data_4TPL
#
_entry.id   4TPL
#
_cell.length_a   167.850
_cell.length_b   167.850
_cell.length_c   93.730
_cell.angle_alpha   90.000
_cell.angle_beta   90.000
_cell.angle_gamma   120.000
#
_symmetry.space_group_name_H-M   'P 3 2 1'
#
loop_
_entity.id
_entity.type
_entity.pdbx_description
1 polymer 'West Nile Virus NS1'
2 branched 2-acetamido-2-deoxy-beta-D-glucopyranose-(1-4)-2-acetamido-2-deoxy-beta-D-glucopyranose
3 branched alpha-D-mannopyranose-(1-3)-[alpha-D-mannopyranose-(1-6)]beta-D-mannopyranose-(1-4)-2-acetamido-2-deoxy-beta-D-glucopyranose-(1-4)-2-acetamido-2-deoxy-beta-D-glucopyranose
4 non-polymer 2-acetamido-2-deoxy-beta-D-glucopyranose
5 non-polymer 'SULFATE ION'
6 non-polymer OXTOXYNOL-10
7 water water
#
_entity_poly.entity_id   1
_entity_poly.type   'polypeptide(L)'
_entity_poly.pdbx_seq_one_letter_code
;AEHHHHHHSSGVDLGTENLYFQSNADTGCAIDISRQELRCGSGVFIHNDVEAWMDRYKYYPETPQGLAKIIQKAHKEGVC
GLRSVSRLEHQMWEAVKDELNTLLKENGVDLSVVVEKQEGMYKSAPKRLTATTEKLEIGWKAWGKSILFAPELANNTFVV
DGPETKECPTQNRAWNSLEVEDFGFGLTSTRMFLKVRESNTTECDSKIIGTAVKNNLAIHSDLSYWIESRLNDTWKLERA
VLGEVKSCTWPETHTLWGDGILESDLIIPVTLAGPRSNHNRRPGYKTQNQGPWDEGRVEIDFDYCPGTTVTLSESCGHRG
PATRTTTESGKLITDWCCRSCTLPPLRYQTDSGCWYGMEIRPQRHDEKTLVQSQVNA
;
_entity_poly.pdbx_strand_id   A,B
#
loop_
_chem_comp.id
_chem_comp.type
_chem_comp.name
_chem_comp.formula
BMA D-saccharide, beta linking beta-D-mannopyranose 'C6 H12 O6'
MAN D-saccharide, alpha linking alpha-D-mannopyranose 'C6 H12 O6'
NAG D-saccharide, beta linking 2-acetamido-2-deoxy-beta-D-glucopyranose 'C8 H15 N O6'
OXN non-polymer OXTOXYNOL-10 'C34 H62 O11'
SO4 non-polymer 'SULFATE ION' 'O4 S -2'
#
# COMPACT_ATOMS: atom_id res chain seq x y z
N GLY A 15 13.19 -15.49 14.53
CA GLY A 15 13.63 -14.13 14.81
C GLY A 15 12.62 -13.36 15.64
N THR A 16 12.99 -12.17 16.10
CA THR A 16 12.08 -11.34 16.88
C THR A 16 10.90 -10.85 16.03
N GLU A 17 11.21 -10.09 14.98
CA GLU A 17 10.18 -9.49 14.14
C GLU A 17 9.38 -10.53 13.35
N ASN A 18 9.85 -11.77 13.35
CA ASN A 18 9.13 -12.83 12.66
C ASN A 18 8.18 -13.49 13.63
N LEU A 19 8.51 -13.40 14.92
CA LEU A 19 7.63 -13.92 15.95
C LEU A 19 6.44 -12.99 16.09
N TYR A 20 6.70 -11.70 15.88
CA TYR A 20 5.68 -10.68 16.04
C TYR A 20 4.66 -10.81 14.92
N PHE A 21 5.16 -11.03 13.72
CA PHE A 21 4.28 -11.11 12.57
C PHE A 21 3.30 -12.27 12.70
N GLN A 22 3.78 -13.43 13.12
CA GLN A 22 2.92 -14.59 13.30
C GLN A 22 1.92 -14.35 14.43
N SER A 23 2.29 -13.53 15.39
CA SER A 23 1.43 -13.27 16.54
C SER A 23 0.39 -12.19 16.24
N ASN A 24 0.65 -11.37 15.22
CA ASN A 24 -0.20 -10.22 14.91
C ASN A 24 -0.69 -10.09 13.46
N ALA A 25 -0.52 -11.12 12.65
CA ALA A 25 -1.00 -11.03 11.27
C ALA A 25 -2.32 -11.79 11.05
N ASP A 26 -2.88 -11.59 9.87
CA ASP A 26 -4.08 -12.29 9.46
C ASP A 26 -3.73 -13.66 8.87
N THR A 27 -4.50 -14.67 9.23
CA THR A 27 -4.29 -16.06 8.81
C THR A 27 -5.59 -16.67 8.26
N GLY A 28 -5.60 -17.06 6.99
CA GLY A 28 -6.81 -17.64 6.43
C GLY A 28 -6.70 -18.03 4.98
N CYS A 29 -7.83 -18.21 4.31
CA CYS A 29 -7.84 -18.62 2.91
C CYS A 29 -8.68 -17.67 2.07
N ALA A 30 -8.37 -17.59 0.79
CA ALA A 30 -9.11 -16.72 -0.11
C ALA A 30 -9.03 -17.22 -1.55
N ILE A 31 -10.03 -16.87 -2.35
CA ILE A 31 -10.04 -17.20 -3.76
C ILE A 31 -9.57 -16.00 -4.57
N ASP A 32 -8.55 -16.20 -5.40
CA ASP A 32 -8.09 -15.15 -6.30
C ASP A 32 -8.37 -15.49 -7.77
N ILE A 33 -9.41 -14.91 -8.37
CA ILE A 33 -9.71 -15.20 -9.76
C ILE A 33 -8.62 -14.66 -10.67
N SER A 34 -8.04 -13.53 -10.28
CA SER A 34 -6.93 -12.94 -11.02
C SER A 34 -5.75 -13.91 -11.10
N ARG A 35 -5.35 -14.46 -9.96
CA ARG A 35 -4.23 -15.39 -9.91
C ARG A 35 -4.69 -16.78 -10.31
N GLN A 36 -6.01 -16.94 -10.50
CA GLN A 36 -6.58 -18.22 -10.94
C GLN A 36 -6.23 -19.32 -9.94
N GLU A 37 -6.39 -19.04 -8.65
CA GLU A 37 -5.93 -19.94 -7.59
C GLU A 37 -6.71 -19.84 -6.27
N LEU A 38 -6.64 -20.88 -5.45
CA LEU A 38 -7.16 -20.79 -4.09
C LEU A 38 -5.98 -20.99 -3.15
N ARG A 39 -5.74 -20.04 -2.27
CA ARG A 39 -4.54 -20.07 -1.44
C ARG A 39 -4.76 -19.76 0.02
N CYS A 40 -4.13 -20.57 0.88
CA CYS A 40 -4.18 -20.34 2.31
C CYS A 40 -2.82 -19.87 2.77
N GLY A 41 -2.77 -19.29 3.95
CA GLY A 41 -1.51 -18.78 4.45
C GLY A 41 -1.68 -17.65 5.43
N SER A 42 -0.57 -16.97 5.68
CA SER A 42 -0.54 -15.90 6.65
C SER A 42 -0.19 -14.61 5.93
N GLY A 43 -0.64 -13.48 6.45
CA GLY A 43 -0.27 -12.20 5.89
C GLY A 43 -1.14 -11.05 6.32
N VAL A 44 -1.55 -10.22 5.37
CA VAL A 44 -2.37 -9.06 5.68
C VAL A 44 -3.64 -9.02 4.82
N PHE A 45 -4.79 -8.98 5.48
CA PHE A 45 -6.09 -8.98 4.81
C PHE A 45 -6.88 -7.68 5.01
N ILE A 46 -7.11 -6.95 3.92
CA ILE A 46 -7.96 -5.77 3.94
C ILE A 46 -9.36 -6.14 3.43
N HIS A 47 -10.40 -6.09 4.26
CA HIS A 47 -11.76 -6.40 3.78
C HIS A 47 -12.66 -5.16 3.75
N ASN A 48 -13.80 -5.28 3.08
CA ASN A 48 -14.77 -4.19 2.98
C ASN A 48 -15.68 -4.11 4.22
N ASP A 49 -15.56 -3.01 4.97
CA ASP A 49 -16.27 -2.80 6.23
C ASP A 49 -17.24 -1.61 6.23
N VAL A 50 -16.99 -0.67 5.33
CA VAL A 50 -17.80 0.54 5.24
C VAL A 50 -19.24 0.21 4.85
N GLU A 51 -19.41 -0.89 4.14
CA GLU A 51 -20.69 -1.24 3.56
C GLU A 51 -21.50 -2.23 4.43
N ALA A 52 -21.09 -2.41 5.68
CA ALA A 52 -21.82 -3.24 6.64
C ALA A 52 -21.33 -3.11 8.10
N TRP A 53 -20.01 -3.05 8.29
CA TRP A 53 -19.39 -3.21 9.61
C TRP A 53 -19.38 -2.03 10.59
N MET A 54 -19.77 -0.84 10.15
CA MET A 54 -19.81 0.32 11.07
C MET A 54 -20.72 0.09 12.29
N ASP A 55 -21.50 -0.99 12.25
CA ASP A 55 -22.38 -1.33 13.37
C ASP A 55 -21.67 -2.27 14.34
N ARG A 56 -20.74 -3.08 13.85
CA ARG A 56 -20.07 -4.07 14.69
C ARG A 56 -18.86 -3.53 15.50
N TYR A 57 -18.07 -2.62 14.93
CA TYR A 57 -16.96 -2.03 15.71
C TYR A 57 -17.48 -0.82 16.47
N LYS A 58 -17.02 -0.68 17.71
CA LYS A 58 -17.52 0.36 18.62
C LYS A 58 -16.42 0.97 19.48
N TYR A 59 -16.46 2.29 19.64
CA TYR A 59 -15.49 3.01 20.45
C TYR A 59 -15.85 3.00 21.92
N TYR A 60 -14.84 2.91 22.78
CA TYR A 60 -15.00 3.09 24.22
C TYR A 60 -13.82 3.89 24.70
N PRO A 61 -14.06 4.83 25.62
CA PRO A 61 -12.92 5.53 26.19
C PRO A 61 -12.16 4.58 27.10
N GLU A 62 -10.83 4.68 27.13
CA GLU A 62 -10.02 3.87 28.03
C GLU A 62 -10.45 4.06 29.49
N THR A 63 -10.52 5.31 29.93
CA THR A 63 -11.14 5.68 31.21
C THR A 63 -12.12 6.83 31.13
N PRO A 64 -13.40 6.55 31.36
CA PRO A 64 -14.39 7.62 31.51
C PRO A 64 -13.94 8.58 32.60
N GLN A 65 -13.51 8.02 33.73
CA GLN A 65 -13.07 8.82 34.86
C GLN A 65 -11.95 9.79 34.47
N GLY A 66 -10.91 9.24 33.86
CA GLY A 66 -9.79 10.05 33.41
C GLY A 66 -10.24 11.11 32.42
N LEU A 67 -11.15 10.72 31.54
CA LEU A 67 -11.65 11.62 30.51
C LEU A 67 -12.42 12.79 31.10
N ALA A 68 -13.18 12.53 32.16
CA ALA A 68 -13.95 13.58 32.83
C ALA A 68 -13.02 14.65 33.38
N LYS A 69 -11.86 14.23 33.88
CA LYS A 69 -10.88 15.15 34.42
C LYS A 69 -10.23 15.94 33.28
N ILE A 70 -9.99 15.26 32.15
CA ILE A 70 -9.44 15.90 30.97
C ILE A 70 -10.36 17.01 30.45
N ILE A 71 -11.66 16.77 30.54
CA ILE A 71 -12.64 17.72 30.03
C ILE A 71 -12.74 18.96 30.92
N GLN A 72 -12.88 18.75 32.22
CA GLN A 72 -13.05 19.86 33.15
C GLN A 72 -11.83 20.79 33.12
N LYS A 73 -10.66 20.21 32.84
CA LYS A 73 -9.46 21.01 32.67
C LYS A 73 -9.59 21.90 31.45
N ALA A 74 -9.97 21.30 30.33
CA ALA A 74 -10.13 22.02 29.08
C ALA A 74 -11.26 23.05 29.19
N HIS A 75 -12.30 22.73 29.94
CA HIS A 75 -13.42 23.65 30.09
C HIS A 75 -12.95 24.91 30.80
N LYS A 76 -12.07 24.74 31.79
CA LYS A 76 -11.49 25.86 32.51
C LYS A 76 -10.59 26.68 31.60
N GLU A 77 -10.01 26.05 30.59
CA GLU A 77 -9.08 26.76 29.71
C GLU A 77 -9.80 27.39 28.52
N GLY A 78 -11.13 27.45 28.60
CA GLY A 78 -11.94 28.16 27.62
C GLY A 78 -12.55 27.30 26.52
N VAL A 79 -12.33 25.99 26.58
CA VAL A 79 -12.90 25.07 25.59
C VAL A 79 -14.37 24.81 25.89
N CYS A 80 -15.26 25.38 25.06
CA CYS A 80 -16.69 25.33 25.30
C CYS A 80 -17.31 23.98 24.90
N GLY A 81 -16.65 23.30 23.97
CA GLY A 81 -17.18 22.04 23.47
C GLY A 81 -16.24 21.27 22.57
N LEU A 82 -16.82 20.41 21.73
CA LEU A 82 -16.03 19.45 20.94
C LEU A 82 -16.75 19.09 19.64
N ARG A 83 -15.96 18.77 18.61
CA ARG A 83 -16.52 18.20 17.38
C ARG A 83 -15.86 16.87 17.10
N SER A 84 -16.68 15.84 16.86
CA SER A 84 -16.18 14.51 16.61
C SER A 84 -15.46 14.42 15.26
N VAL A 85 -14.56 13.46 15.13
CA VAL A 85 -13.88 13.26 13.85
C VAL A 85 -14.76 12.44 12.96
N SER A 86 -15.54 11.55 13.57
CA SER A 86 -16.28 10.54 12.82
C SER A 86 -17.57 10.14 13.53
N ARG A 87 -18.47 9.50 12.78
CA ARG A 87 -19.72 9.02 13.35
C ARG A 87 -19.46 8.06 14.50
N LEU A 88 -18.46 7.20 14.35
CA LEU A 88 -18.10 6.25 15.39
C LEU A 88 -17.71 6.98 16.67
N GLU A 89 -16.96 8.07 16.53
CA GLU A 89 -16.60 8.86 17.71
C GLU A 89 -17.84 9.51 18.29
N HIS A 90 -18.69 10.05 17.42
CA HIS A 90 -19.93 10.70 17.85
C HIS A 90 -20.78 9.78 18.69
N GLN A 91 -20.91 8.54 18.25
CA GLN A 91 -21.74 7.55 18.95
C GLN A 91 -21.17 7.16 20.31
N MET A 92 -19.85 7.26 20.46
CA MET A 92 -19.20 7.00 21.74
C MET A 92 -19.63 8.03 22.77
N TRP A 93 -19.50 9.29 22.40
CA TRP A 93 -19.93 10.40 23.23
C TRP A 93 -21.37 10.24 23.63
N GLU A 94 -22.21 9.91 22.66
CA GLU A 94 -23.65 9.73 22.89
C GLU A 94 -23.89 8.64 23.93
N ALA A 95 -23.02 7.64 23.97
CA ALA A 95 -23.21 6.48 24.83
C ALA A 95 -22.55 6.67 26.21
N VAL A 96 -21.67 7.65 26.31
CA VAL A 96 -20.86 7.80 27.52
C VAL A 96 -21.17 9.08 28.30
N LYS A 97 -22.09 9.89 27.79
CA LYS A 97 -22.37 11.18 28.42
C LYS A 97 -22.94 11.01 29.82
N ASP A 98 -23.87 10.06 29.98
CA ASP A 98 -24.51 9.85 31.28
C ASP A 98 -23.50 9.36 32.32
N GLU A 99 -22.52 8.58 31.88
CA GLU A 99 -21.48 8.09 32.77
C GLU A 99 -20.55 9.23 33.18
N LEU A 100 -20.19 10.08 32.23
CA LEU A 100 -19.32 11.21 32.50
C LEU A 100 -19.99 12.22 33.42
N ASN A 101 -21.22 12.60 33.08
CA ASN A 101 -22.00 13.55 33.87
C ASN A 101 -22.13 13.10 35.32
N THR A 102 -22.31 11.79 35.50
CA THR A 102 -22.41 11.21 36.83
C THR A 102 -21.10 11.42 37.59
N LEU A 103 -19.98 11.15 36.93
CA LEU A 103 -18.66 11.35 37.52
C LEU A 103 -18.44 12.81 37.89
N LEU A 104 -18.78 13.71 36.97
CA LEU A 104 -18.61 15.15 37.19
C LEU A 104 -19.41 15.58 38.40
N LYS A 105 -20.62 15.06 38.51
CA LYS A 105 -21.51 15.34 39.62
C LYS A 105 -20.82 14.90 40.92
N GLU A 106 -20.32 13.66 40.92
CA GLU A 106 -19.74 13.04 42.11
C GLU A 106 -18.41 13.68 42.55
N ASN A 107 -17.78 14.44 41.66
CA ASN A 107 -16.57 15.17 42.02
C ASN A 107 -16.88 16.64 42.27
N GLY A 108 -18.17 16.95 42.44
CA GLY A 108 -18.60 18.30 42.75
C GLY A 108 -18.15 19.30 41.71
N VAL A 109 -18.28 18.95 40.44
CA VAL A 109 -17.91 19.86 39.36
C VAL A 109 -19.18 20.32 38.63
N ASP A 110 -19.45 21.63 38.67
CA ASP A 110 -20.64 22.17 38.04
C ASP A 110 -20.47 22.16 36.52
N LEU A 111 -20.63 20.99 35.92
CA LEU A 111 -20.45 20.82 34.49
C LEU A 111 -21.15 19.56 34.00
N SER A 112 -21.85 19.67 32.88
CA SER A 112 -22.52 18.51 32.27
C SER A 112 -22.22 18.46 30.78
N VAL A 113 -22.09 17.25 30.26
CA VAL A 113 -21.81 17.06 28.85
C VAL A 113 -23.09 16.93 28.04
N VAL A 114 -23.20 17.72 26.97
CA VAL A 114 -24.38 17.69 26.11
C VAL A 114 -23.94 17.35 24.69
N VAL A 115 -24.53 16.30 24.13
CA VAL A 115 -24.19 15.89 22.77
C VAL A 115 -25.40 16.01 21.84
N GLU A 116 -25.24 16.81 20.79
CA GLU A 116 -26.32 17.09 19.86
C GLU A 116 -26.22 16.23 18.61
N LYS A 117 -27.33 16.12 17.87
CA LYS A 117 -27.33 15.36 16.63
C LYS A 117 -26.43 16.00 15.59
N GLN A 118 -25.70 15.17 14.87
CA GLN A 118 -24.84 15.67 13.80
C GLN A 118 -25.39 15.22 12.45
N GLU A 119 -25.81 16.18 11.63
CA GLU A 119 -26.40 15.85 10.35
C GLU A 119 -25.39 15.95 9.19
N GLY A 120 -24.63 17.03 9.17
CA GLY A 120 -23.75 17.32 8.05
C GLY A 120 -22.43 16.57 8.08
N MET A 121 -21.42 17.14 7.45
CA MET A 121 -20.08 16.57 7.49
C MET A 121 -19.46 16.83 8.84
N TYR A 122 -18.55 15.96 9.27
CA TYR A 122 -17.88 16.17 10.54
C TYR A 122 -16.71 17.13 10.34
N LYS A 123 -16.89 18.35 10.82
CA LYS A 123 -15.94 19.43 10.55
C LYS A 123 -14.83 19.51 11.59
N SER A 124 -13.75 20.17 11.19
CA SER A 124 -12.56 20.33 12.02
C SER A 124 -12.70 21.46 13.05
N ALA A 125 -11.79 21.46 14.02
CA ALA A 125 -11.74 22.51 15.03
C ALA A 125 -10.31 22.65 15.54
N PRO A 126 -9.93 23.84 16.03
CA PRO A 126 -8.54 24.14 16.34
C PRO A 126 -8.03 23.68 17.70
N LYS A 127 -8.89 23.66 18.73
CA LYS A 127 -8.44 23.31 20.08
C LYS A 127 -8.20 21.81 20.24
N ARG A 128 -7.47 21.44 21.29
CA ARG A 128 -7.18 20.03 21.61
C ARG A 128 -7.27 19.77 23.11
N LEU A 129 -7.87 18.65 23.47
CA LEU A 129 -7.82 18.13 24.84
C LEU A 129 -6.39 17.69 25.15
N THR A 130 -6.01 17.68 26.42
CA THR A 130 -4.66 17.27 26.81
C THR A 130 -4.69 16.31 28.00
N ALA A 131 -3.70 15.44 28.09
CA ALA A 131 -3.62 14.43 29.15
C ALA A 131 -3.23 15.00 30.51
N THR A 132 -2.10 15.71 30.57
CA THR A 132 -1.61 16.22 31.85
C THR A 132 -2.44 17.41 32.34
N ALA A 154 -19.04 31.86 29.80
CA ALA A 154 -18.93 31.21 31.10
C ALA A 154 -20.07 30.22 31.34
N ASN A 155 -20.48 29.53 30.27
CA ASN A 155 -21.54 28.53 30.36
C ASN A 155 -21.08 27.33 31.18
N ASN A 156 -22.01 26.50 31.59
CA ASN A 156 -21.68 25.33 32.41
C ASN A 156 -21.96 24.05 31.65
N THR A 157 -21.72 24.08 30.34
CA THR A 157 -21.99 22.94 29.48
C THR A 157 -20.82 22.64 28.56
N PHE A 158 -20.63 21.36 28.27
CA PHE A 158 -19.65 20.94 27.27
C PHE A 158 -20.39 20.32 26.08
N VAL A 159 -20.42 21.05 24.97
CA VAL A 159 -21.26 20.65 23.84
C VAL A 159 -20.49 19.86 22.79
N VAL A 160 -21.02 18.71 22.43
CA VAL A 160 -20.40 17.88 21.42
C VAL A 160 -21.21 17.92 20.12
N ASP A 161 -20.55 18.33 19.05
CA ASP A 161 -21.17 18.40 17.73
C ASP A 161 -22.41 19.29 17.71
N GLY A 162 -23.32 19.01 16.78
CA GLY A 162 -24.50 19.85 16.63
C GLY A 162 -24.25 20.99 15.67
N PRO A 163 -25.25 21.86 15.51
CA PRO A 163 -25.10 22.99 14.57
C PRO A 163 -24.11 24.02 15.08
N GLU A 164 -23.67 24.92 14.21
CA GLU A 164 -22.73 25.95 14.62
C GLU A 164 -23.44 27.08 15.35
N THR A 165 -22.97 27.40 16.56
CA THR A 165 -23.61 28.41 17.38
C THR A 165 -22.62 29.47 17.85
N LYS A 166 -23.14 30.63 18.22
CA LYS A 166 -22.30 31.70 18.76
C LYS A 166 -22.06 31.44 20.25
N GLU A 167 -23.01 30.74 20.85
CA GLU A 167 -22.93 30.36 22.26
C GLU A 167 -21.73 29.43 22.47
N CYS A 168 -21.47 28.57 21.49
CA CYS A 168 -20.34 27.67 21.54
C CYS A 168 -19.73 27.51 20.16
N PRO A 169 -18.91 28.50 19.74
CA PRO A 169 -18.35 28.55 18.39
C PRO A 169 -17.34 27.44 18.13
N THR A 170 -17.17 27.06 16.87
CA THR A 170 -16.23 26.01 16.48
C THR A 170 -14.81 26.37 16.89
N GLN A 171 -14.47 27.65 16.77
CA GLN A 171 -13.11 28.11 17.05
C GLN A 171 -12.69 27.94 18.51
N ASN A 172 -13.64 27.58 19.37
CA ASN A 172 -13.32 27.29 20.78
C ASN A 172 -13.55 25.84 21.14
N ARG A 173 -13.70 24.98 20.14
CA ARG A 173 -13.95 23.57 20.37
C ARG A 173 -12.73 22.72 20.05
N ALA A 174 -12.67 21.54 20.66
CA ALA A 174 -11.58 20.61 20.42
C ALA A 174 -12.00 19.58 19.37
N TRP A 175 -11.01 18.99 18.70
CA TRP A 175 -11.25 18.09 17.59
C TRP A 175 -10.03 17.23 17.36
N ASN A 176 -10.25 15.95 17.07
CA ASN A 176 -9.18 14.99 16.81
C ASN A 176 -8.21 14.84 17.98
N SER A 177 -8.76 14.86 19.18
CA SER A 177 -7.98 14.74 20.41
C SER A 177 -7.81 13.28 20.83
N LEU A 178 -8.48 12.37 20.14
CA LEU A 178 -8.48 10.98 20.56
C LEU A 178 -7.91 10.04 19.50
N GLU A 179 -7.39 8.91 19.95
CA GLU A 179 -6.95 7.84 19.06
C GLU A 179 -7.12 6.48 19.75
N VAL A 180 -7.12 5.42 18.96
CA VAL A 180 -7.29 4.08 19.51
C VAL A 180 -6.02 3.67 20.25
N GLU A 181 -6.18 3.37 21.53
CA GLU A 181 -5.07 2.89 22.33
C GLU A 181 -4.88 1.42 21.99
N ASP A 182 -5.92 0.63 22.24
CA ASP A 182 -5.85 -0.78 21.88
C ASP A 182 -7.22 -1.38 21.55
N PHE A 183 -7.14 -2.60 21.03
CA PHE A 183 -8.28 -3.37 20.58
C PHE A 183 -8.65 -4.38 21.65
N GLY A 184 -9.78 -5.05 21.46
CA GLY A 184 -10.19 -6.05 22.43
C GLY A 184 -9.73 -7.43 21.97
N PHE A 185 -10.34 -8.46 22.53
CA PHE A 185 -9.89 -9.82 22.28
C PHE A 185 -11.10 -10.77 22.21
N GLY A 186 -10.99 -11.81 21.38
CA GLY A 186 -12.01 -12.85 21.27
C GLY A 186 -13.45 -12.38 21.19
N LEU A 187 -14.03 -12.21 22.38
CA LEU A 187 -15.41 -11.77 22.56
C LEU A 187 -15.50 -10.25 22.43
N THR A 188 -14.46 -9.56 22.90
CA THR A 188 -14.40 -8.11 22.84
C THR A 188 -13.55 -7.66 21.67
N SER A 189 -13.29 -8.57 20.74
CA SER A 189 -12.48 -8.27 19.54
C SER A 189 -12.96 -7.07 18.73
N THR A 190 -14.22 -6.67 18.90
CA THR A 190 -14.79 -5.60 18.09
C THR A 190 -14.85 -4.31 18.87
N ARG A 191 -14.32 -4.35 20.09
CA ARG A 191 -14.26 -3.16 20.94
C ARG A 191 -12.98 -2.40 20.67
N MET A 192 -13.06 -1.07 20.60
CA MET A 192 -11.85 -0.24 20.45
C MET A 192 -11.74 0.82 21.53
N PHE A 193 -10.68 0.75 22.31
CA PHE A 193 -10.52 1.65 23.45
C PHE A 193 -9.67 2.88 23.08
N LEU A 194 -10.22 4.06 23.39
CA LEU A 194 -9.62 5.34 22.99
C LEU A 194 -8.85 6.05 24.09
N LYS A 195 -7.74 6.66 23.71
CA LYS A 195 -7.00 7.51 24.62
C LYS A 195 -6.93 8.91 24.06
N VAL A 196 -6.54 9.87 24.90
CA VAL A 196 -6.33 11.24 24.46
C VAL A 196 -4.96 11.36 23.80
N ARG A 197 -4.94 11.93 22.59
CA ARG A 197 -3.71 12.10 21.85
C ARG A 197 -2.65 12.86 22.64
N GLU A 198 -1.44 12.36 22.55
CA GLU A 198 -0.28 12.93 23.23
C GLU A 198 0.30 14.06 22.40
N SER A 199 -0.06 14.08 21.12
CA SER A 199 0.48 15.04 20.18
C SER A 199 -0.61 15.83 19.47
N ASN A 200 -0.20 16.76 18.64
CA ASN A 200 -1.12 17.59 17.88
C ASN A 200 -0.98 17.35 16.38
N THR A 201 -2.01 16.78 15.77
CA THR A 201 -2.04 16.62 14.32
C THR A 201 -3.44 16.83 13.74
N THR A 202 -3.50 16.82 12.43
CA THR A 202 -4.74 16.85 11.68
C THR A 202 -4.97 15.47 11.07
N GLU A 203 -3.98 14.59 11.25
CA GLU A 203 -4.00 13.27 10.63
C GLU A 203 -5.07 12.33 11.19
N CYS A 204 -5.56 11.45 10.34
CA CYS A 204 -6.51 10.43 10.77
C CYS A 204 -5.83 9.38 11.64
N ASP A 205 -6.61 8.77 12.54
CA ASP A 205 -6.12 7.68 13.38
C ASP A 205 -5.69 6.53 12.48
N SER A 206 -4.39 6.24 12.49
CA SER A 206 -3.81 5.31 11.53
C SER A 206 -3.97 3.86 11.93
N LYS A 207 -4.30 3.63 13.19
CA LYS A 207 -4.38 2.26 13.68
C LYS A 207 -5.56 1.52 13.06
N ILE A 208 -6.58 2.25 12.59
CA ILE A 208 -7.75 1.62 11.98
C ILE A 208 -7.73 1.73 10.46
N ILE A 209 -6.58 2.10 9.90
CA ILE A 209 -6.43 2.24 8.46
C ILE A 209 -5.89 0.97 7.81
N GLY A 210 -6.53 0.57 6.70
CA GLY A 210 -6.05 -0.53 5.91
C GLY A 210 -5.86 -0.05 4.48
N THR A 211 -4.63 -0.17 4.00
CA THR A 211 -4.29 0.23 2.63
C THR A 211 -3.53 -0.89 1.97
N ALA A 212 -3.97 -1.30 0.78
CA ALA A 212 -3.35 -2.41 0.09
C ALA A 212 -3.59 -2.34 -1.41
N VAL A 213 -2.69 -2.95 -2.15
CA VAL A 213 -2.82 -3.11 -3.59
C VAL A 213 -2.28 -4.47 -4.03
N LYS A 214 -3.05 -5.18 -4.84
CA LYS A 214 -2.65 -6.49 -5.36
C LYS A 214 -3.45 -6.72 -6.63
N ASN A 215 -2.84 -7.35 -7.64
CA ASN A 215 -3.49 -7.54 -8.93
C ASN A 215 -4.00 -6.21 -9.50
N ASN A 216 -5.23 -6.19 -10.01
CA ASN A 216 -5.75 -4.98 -10.60
C ASN A 216 -6.55 -4.17 -9.60
N LEU A 217 -6.13 -4.17 -8.34
CA LEU A 217 -6.93 -3.48 -7.33
C LEU A 217 -6.12 -2.82 -6.22
N ALA A 218 -6.46 -1.57 -5.91
CA ALA A 218 -5.74 -0.80 -4.88
C ALA A 218 -6.75 -0.16 -3.93
N ILE A 219 -6.58 -0.38 -2.62
CA ILE A 219 -7.57 0.07 -1.65
C ILE A 219 -6.98 1.01 -0.61
N HIS A 220 -7.58 2.18 -0.43
CA HIS A 220 -7.32 3.03 0.74
C HIS A 220 -8.57 3.01 1.61
N SER A 221 -8.47 2.49 2.82
CA SER A 221 -9.68 2.28 3.63
C SER A 221 -9.48 2.48 5.11
N ASP A 222 -10.59 2.74 5.80
CA ASP A 222 -10.61 2.69 7.26
C ASP A 222 -12.02 2.30 7.69
N LEU A 223 -12.45 2.77 8.85
CA LEU A 223 -13.75 2.34 9.38
C LEU A 223 -14.92 3.11 8.79
N SER A 224 -14.67 4.00 7.85
CA SER A 224 -15.74 4.80 7.27
C SER A 224 -15.47 5.19 5.84
N TYR A 225 -14.21 5.11 5.42
CA TYR A 225 -13.85 5.34 4.03
C TYR A 225 -13.44 4.05 3.33
N TRP A 226 -13.92 3.88 2.11
CA TRP A 226 -13.46 2.79 1.25
C TRP A 226 -13.15 3.38 -0.10
N ILE A 227 -11.87 3.52 -0.44
CA ILE A 227 -11.49 4.20 -1.66
C ILE A 227 -10.76 3.24 -2.56
N GLU A 228 -11.38 2.94 -3.70
CA GLU A 228 -10.95 1.84 -4.54
C GLU A 228 -10.55 2.31 -5.93
N SER A 229 -9.32 2.01 -6.31
CA SER A 229 -8.88 2.28 -7.67
C SER A 229 -8.53 0.96 -8.34
N ARG A 230 -8.63 0.92 -9.65
CA ARG A 230 -8.43 -0.31 -10.38
C ARG A 230 -7.55 -0.05 -11.57
N LEU A 231 -6.80 -1.07 -11.95
CA LEU A 231 -6.02 -1.01 -13.16
C LEU A 231 -6.85 -1.58 -14.31
N ASN A 232 -7.41 -0.69 -15.12
CA ASN A 232 -8.07 -1.14 -16.33
C ASN A 232 -7.07 -1.04 -17.46
N ASP A 233 -7.08 0.09 -18.16
CA ASP A 233 -5.99 0.34 -19.10
C ASP A 233 -4.94 1.14 -18.35
N THR A 234 -5.41 1.90 -17.37
CA THR A 234 -4.54 2.70 -16.52
C THR A 234 -5.09 2.66 -15.10
N TRP A 235 -4.26 3.01 -14.14
CA TRP A 235 -4.71 3.11 -12.75
C TRP A 235 -5.53 4.38 -12.59
N LYS A 236 -6.76 4.22 -12.13
CA LYS A 236 -7.63 5.38 -11.89
C LYS A 236 -8.69 5.00 -10.88
N LEU A 237 -9.24 6.01 -10.22
CA LEU A 237 -10.32 5.81 -9.26
C LEU A 237 -11.53 5.17 -9.92
N GLU A 238 -12.12 4.19 -9.26
CA GLU A 238 -13.28 3.50 -9.82
C GLU A 238 -14.49 3.62 -8.93
N ARG A 239 -14.26 3.66 -7.64
CA ARG A 239 -15.35 3.67 -6.68
C ARG A 239 -14.93 4.14 -5.30
N ALA A 240 -15.80 4.88 -4.62
CA ALA A 240 -15.57 5.29 -3.25
C ALA A 240 -16.88 5.30 -2.45
N VAL A 241 -16.82 4.78 -1.23
CA VAL A 241 -17.97 4.85 -0.32
C VAL A 241 -17.54 5.52 0.96
N LEU A 242 -18.20 6.62 1.29
CA LEU A 242 -17.92 7.40 2.50
C LEU A 242 -19.14 7.37 3.42
N GLY A 243 -19.04 6.64 4.53
CA GLY A 243 -20.16 6.51 5.44
C GLY A 243 -20.44 7.81 6.13
N GLU A 244 -19.45 8.68 6.07
CA GLU A 244 -19.51 10.01 6.63
C GLU A 244 -18.44 10.78 5.89
N VAL A 245 -18.49 12.10 5.97
CA VAL A 245 -17.42 12.91 5.42
C VAL A 245 -16.72 13.58 6.58
N LYS A 246 -15.46 13.21 6.79
CA LYS A 246 -14.68 13.75 7.90
C LYS A 246 -13.66 14.72 7.38
N SER A 247 -12.99 15.41 8.29
CA SER A 247 -12.13 16.53 7.91
C SER A 247 -10.68 16.35 8.36
N CYS A 248 -10.32 15.13 8.76
CA CYS A 248 -8.97 14.87 9.15
C CYS A 248 -8.13 14.65 7.89
N THR A 249 -6.85 14.39 8.07
CA THR A 249 -5.92 14.27 6.96
C THR A 249 -5.45 12.83 6.79
N TRP A 250 -5.43 12.35 5.54
CA TRP A 250 -4.98 11.00 5.31
C TRP A 250 -3.47 10.89 5.39
N PRO A 251 -2.99 10.04 6.31
CA PRO A 251 -1.57 9.85 6.58
C PRO A 251 -0.78 9.40 5.35
N GLU A 252 0.42 9.94 5.21
CA GLU A 252 1.28 9.57 4.09
C GLU A 252 1.85 8.17 4.29
N THR A 253 1.99 7.77 5.54
CA THR A 253 2.49 6.43 5.87
C THR A 253 1.58 5.36 5.31
N HIS A 254 0.28 5.67 5.19
CA HIS A 254 -0.69 4.71 4.67
C HIS A 254 -1.22 5.18 3.31
N THR A 255 -0.38 5.86 2.55
CA THR A 255 -0.74 6.35 1.23
C THR A 255 0.08 5.67 0.12
N LEU A 256 -0.60 5.18 -0.90
CA LEU A 256 0.09 4.59 -2.05
C LEU A 256 0.33 5.65 -3.11
N TRP A 257 1.42 5.52 -3.85
CA TRP A 257 1.65 6.34 -5.03
C TRP A 257 1.53 7.83 -4.70
N GLY A 258 2.27 8.28 -3.69
CA GLY A 258 2.16 9.65 -3.19
C GLY A 258 3.28 10.55 -3.65
N ASP A 259 3.90 10.17 -4.76
CA ASP A 259 4.99 10.94 -5.34
C ASP A 259 4.50 11.84 -6.47
N GLY A 260 5.05 13.06 -6.52
CA GLY A 260 4.74 13.98 -7.61
C GLY A 260 3.28 14.31 -7.73
N ILE A 261 2.70 14.83 -6.65
CA ILE A 261 1.27 15.03 -6.57
C ILE A 261 0.86 16.44 -7.00
N LEU A 262 -0.12 16.49 -7.89
CA LEU A 262 -0.81 17.72 -8.22
C LEU A 262 -2.17 17.69 -7.51
N GLU A 263 -2.33 18.48 -6.46
CA GLU A 263 -3.52 18.39 -5.62
C GLU A 263 -4.83 18.78 -6.34
N SER A 264 -4.70 19.48 -7.46
CA SER A 264 -5.86 19.86 -8.28
C SER A 264 -6.50 18.63 -8.92
N ASP A 265 -5.70 17.57 -9.06
CA ASP A 265 -6.13 16.37 -9.75
C ASP A 265 -6.80 15.37 -8.83
N LEU A 266 -6.62 15.56 -7.52
CA LEU A 266 -7.19 14.64 -6.54
C LEU A 266 -8.70 14.79 -6.46
N ILE A 267 -9.42 13.73 -6.82
CA ILE A 267 -10.88 13.76 -6.87
C ILE A 267 -11.51 14.05 -5.51
N ILE A 268 -11.27 13.18 -4.53
CA ILE A 268 -11.70 13.44 -3.16
C ILE A 268 -10.74 14.40 -2.49
N PRO A 269 -11.22 15.60 -2.15
CA PRO A 269 -10.41 16.69 -1.60
C PRO A 269 -9.55 16.30 -0.40
N VAL A 270 -8.30 16.75 -0.41
CA VAL A 270 -7.36 16.49 0.67
C VAL A 270 -7.91 16.90 2.03
N THR A 271 -8.62 18.04 2.06
CA THR A 271 -9.19 18.57 3.29
C THR A 271 -10.34 17.71 3.83
N LEU A 272 -10.79 16.75 3.03
CA LEU A 272 -11.86 15.83 3.40
C LEU A 272 -11.34 14.40 3.54
N ALA A 273 -10.15 14.29 4.12
CA ALA A 273 -9.48 13.01 4.34
C ALA A 273 -9.24 12.24 3.06
N GLY A 274 -9.13 12.95 1.94
CA GLY A 274 -8.78 12.32 0.70
C GLY A 274 -7.29 12.00 0.69
N PRO A 275 -6.95 10.77 0.29
CA PRO A 275 -5.56 10.31 0.17
C PRO A 275 -4.76 11.10 -0.85
N ARG A 276 -3.57 11.56 -0.46
CA ARG A 276 -2.67 12.22 -1.41
C ARG A 276 -2.08 11.17 -2.33
N SER A 277 -2.92 10.58 -3.17
CA SER A 277 -2.50 9.47 -3.99
C SER A 277 -2.86 9.69 -5.44
N ASN A 278 -2.04 9.20 -6.35
CA ASN A 278 -2.37 9.29 -7.76
C ASN A 278 -3.48 8.29 -8.10
N HIS A 279 -3.79 7.43 -7.13
CA HIS A 279 -4.95 6.54 -7.21
C HIS A 279 -6.21 7.33 -7.02
N ASN A 280 -6.10 8.44 -6.30
CA ASN A 280 -7.22 9.34 -6.05
C ASN A 280 -7.38 10.30 -7.24
N ARG A 281 -7.42 9.73 -8.45
CA ARG A 281 -7.53 10.52 -9.67
C ARG A 281 -8.45 9.89 -10.72
N ARG A 282 -8.89 10.70 -11.67
CA ARG A 282 -9.67 10.23 -12.80
C ARG A 282 -9.47 11.14 -14.02
N PRO A 283 -8.91 10.60 -15.10
CA PRO A 283 -8.62 11.42 -16.28
C PRO A 283 -9.86 12.16 -16.77
N GLY A 284 -9.75 13.48 -16.84
CA GLY A 284 -10.85 14.33 -17.27
C GLY A 284 -11.45 15.11 -16.12
N TYR A 285 -11.04 14.79 -14.90
CA TYR A 285 -11.65 15.41 -13.71
C TYR A 285 -10.62 16.04 -12.76
N LYS A 286 -11.03 17.11 -12.10
CA LYS A 286 -10.20 17.78 -11.10
C LYS A 286 -10.87 17.70 -9.74
N THR A 287 -10.29 18.37 -8.74
CA THR A 287 -10.78 18.24 -7.36
C THR A 287 -12.24 18.60 -7.20
N GLN A 288 -13.00 17.67 -6.64
CA GLN A 288 -14.42 17.89 -6.36
C GLN A 288 -14.59 18.67 -5.07
N ASN A 289 -14.10 19.90 -5.06
CA ASN A 289 -14.19 20.74 -3.87
C ASN A 289 -15.64 21.15 -3.60
N GLN A 290 -16.45 21.14 -4.65
CA GLN A 290 -17.86 21.51 -4.51
C GLN A 290 -18.82 20.34 -4.79
N GLY A 291 -18.47 19.16 -4.30
CA GLY A 291 -19.36 18.03 -4.37
C GLY A 291 -20.31 18.04 -3.19
N PRO A 292 -21.30 17.14 -3.17
CA PRO A 292 -22.34 17.10 -2.14
C PRO A 292 -21.84 16.41 -0.88
N TRP A 293 -20.89 17.04 -0.19
CA TRP A 293 -20.25 16.39 0.94
C TRP A 293 -21.05 16.54 2.23
N ASP A 294 -22.04 17.43 2.21
CA ASP A 294 -22.81 17.72 3.42
C ASP A 294 -24.08 16.90 3.51
N GLU A 295 -24.11 15.78 2.79
CA GLU A 295 -25.34 14.99 2.68
C GLU A 295 -25.32 13.76 3.57
N GLY A 296 -24.23 13.55 4.32
CA GLY A 296 -24.06 12.31 5.05
C GLY A 296 -23.34 11.31 4.17
N ARG A 297 -23.85 10.08 4.12
CA ARG A 297 -23.23 9.04 3.30
C ARG A 297 -23.16 9.45 1.84
N VAL A 298 -21.99 9.25 1.24
CA VAL A 298 -21.79 9.57 -0.16
C VAL A 298 -21.07 8.42 -0.84
N GLU A 299 -21.56 8.05 -2.01
CA GLU A 299 -20.93 7.02 -2.81
C GLU A 299 -20.55 7.61 -4.17
N ILE A 300 -19.26 7.55 -4.48
CA ILE A 300 -18.76 8.02 -5.77
C ILE A 300 -18.48 6.83 -6.70
N ASP A 301 -18.82 6.98 -7.96
CA ASP A 301 -18.42 6.00 -8.98
C ASP A 301 -18.60 6.61 -10.36
N PHE A 302 -18.40 5.81 -11.40
CA PHE A 302 -18.43 6.36 -12.73
C PHE A 302 -19.42 5.59 -13.58
N ASP A 303 -20.64 6.10 -13.54
CA ASP A 303 -21.78 5.54 -14.25
C ASP A 303 -22.77 6.68 -14.46
N TYR A 304 -23.85 6.39 -15.16
CA TYR A 304 -24.86 7.41 -15.43
C TYR A 304 -25.90 7.46 -14.33
N CYS A 305 -26.38 8.65 -14.00
CA CYS A 305 -27.54 8.76 -13.15
C CYS A 305 -28.75 8.24 -13.94
N PRO A 306 -29.61 7.44 -13.27
CA PRO A 306 -30.76 6.84 -13.95
C PRO A 306 -31.64 7.87 -14.64
N GLY A 307 -31.93 7.64 -15.91
CA GLY A 307 -32.83 8.50 -16.66
C GLY A 307 -32.17 9.69 -17.31
N THR A 308 -30.88 9.87 -17.05
CA THR A 308 -30.11 11.00 -17.59
C THR A 308 -29.12 10.56 -18.66
N THR A 309 -28.58 11.54 -19.37
CA THR A 309 -27.53 11.31 -20.35
C THR A 309 -26.50 12.43 -20.30
N VAL A 310 -25.26 12.12 -20.70
CA VAL A 310 -24.17 13.10 -20.66
C VAL A 310 -23.40 13.12 -21.99
N THR A 311 -23.28 14.30 -22.59
CA THR A 311 -22.58 14.43 -23.87
C THR A 311 -21.51 15.50 -23.83
N LEU A 312 -20.42 15.27 -24.58
CA LEU A 312 -19.32 16.22 -24.66
C LEU A 312 -19.73 17.37 -25.56
N SER A 313 -19.53 18.59 -25.07
CA SER A 313 -19.89 19.77 -25.84
C SER A 313 -19.04 20.96 -25.42
N GLU A 314 -18.35 21.56 -26.39
CA GLU A 314 -17.53 22.74 -26.11
C GLU A 314 -18.39 23.96 -25.79
N SER A 315 -19.69 23.86 -26.02
CA SER A 315 -20.63 24.93 -25.73
C SER A 315 -21.25 24.74 -24.35
N CYS A 316 -20.52 24.07 -23.46
CA CYS A 316 -21.07 23.68 -22.17
C CYS A 316 -20.55 24.56 -21.05
N GLY A 317 -21.25 24.54 -19.92
CA GLY A 317 -20.83 25.33 -18.78
C GLY A 317 -19.51 24.85 -18.21
N HIS A 318 -18.86 25.71 -17.46
CA HIS A 318 -17.63 25.33 -16.78
C HIS A 318 -17.98 24.67 -15.45
N ARG A 319 -16.97 24.16 -14.74
CA ARG A 319 -17.20 23.48 -13.47
C ARG A 319 -18.01 24.37 -12.55
N GLY A 320 -18.91 23.76 -11.81
CA GLY A 320 -19.70 24.47 -10.82
C GLY A 320 -20.04 23.48 -9.73
N PRO A 321 -20.88 23.91 -8.77
CA PRO A 321 -21.33 23.06 -7.67
C PRO A 321 -21.99 21.81 -8.21
N ALA A 322 -21.80 20.67 -7.56
CA ALA A 322 -22.44 19.44 -7.99
C ALA A 322 -23.96 19.57 -7.96
N THR A 323 -24.62 19.07 -9.00
CA THR A 323 -26.07 19.23 -9.11
C THR A 323 -26.80 17.89 -9.02
N ARG A 324 -27.91 17.88 -8.28
CA ARG A 324 -28.74 16.69 -8.16
C ARG A 324 -29.64 16.57 -9.39
N THR A 325 -29.93 15.33 -9.81
CA THR A 325 -30.73 15.11 -11.02
C THR A 325 -32.22 15.38 -10.79
N THR A 326 -32.60 15.60 -9.55
CA THR A 326 -33.97 15.99 -9.25
C THR A 326 -34.03 17.36 -8.61
N THR A 327 -35.08 18.09 -8.97
CA THR A 327 -35.34 19.43 -8.46
C THR A 327 -35.94 19.34 -7.05
N GLU A 328 -36.02 20.47 -6.35
CA GLU A 328 -36.70 20.51 -5.06
C GLU A 328 -38.14 20.03 -5.21
N SER A 329 -38.77 20.43 -6.30
CA SER A 329 -40.13 20.00 -6.62
C SER A 329 -40.18 18.50 -6.83
N GLY A 330 -39.14 17.94 -7.44
CA GLY A 330 -39.09 16.51 -7.71
C GLY A 330 -39.05 16.21 -9.19
N LYS A 331 -38.72 17.22 -10.00
CA LYS A 331 -38.64 17.05 -11.45
C LYS A 331 -37.24 16.58 -11.88
N LEU A 332 -37.20 15.80 -12.96
CA LEU A 332 -35.95 15.18 -13.40
C LEU A 332 -35.22 15.98 -14.49
N ILE A 333 -33.93 16.23 -14.27
CA ILE A 333 -33.08 16.77 -15.32
C ILE A 333 -32.55 15.62 -16.17
N THR A 334 -32.83 15.61 -17.47
CA THR A 334 -32.43 14.48 -18.31
C THR A 334 -31.14 14.75 -19.04
N ASP A 335 -31.04 15.91 -19.68
CA ASP A 335 -29.89 16.23 -20.53
C ASP A 335 -28.76 16.93 -19.81
N TRP A 336 -27.58 16.33 -19.83
CA TRP A 336 -26.40 16.90 -19.20
C TRP A 336 -25.24 16.98 -20.17
N CYS A 337 -24.37 17.94 -19.96
CA CYS A 337 -23.21 18.12 -20.83
C CYS A 337 -21.97 18.28 -19.99
N CYS A 338 -20.82 18.10 -20.63
CA CYS A 338 -19.54 18.41 -19.99
C CYS A 338 -18.58 18.88 -21.05
N ARG A 339 -17.69 19.79 -20.67
CA ARG A 339 -16.77 20.39 -21.63
C ARG A 339 -15.67 19.45 -22.09
N SER A 340 -14.91 18.94 -21.13
CA SER A 340 -13.76 18.12 -21.43
C SER A 340 -13.52 17.12 -20.32
N CYS A 341 -14.46 16.22 -20.14
CA CYS A 341 -14.31 15.15 -19.16
C CYS A 341 -14.35 13.83 -19.92
N THR A 342 -14.24 12.73 -19.18
CA THR A 342 -14.30 11.42 -19.80
C THR A 342 -15.53 10.67 -19.32
N LEU A 343 -16.06 9.80 -20.17
CA LEU A 343 -17.20 8.98 -19.81
C LEU A 343 -16.73 7.57 -19.45
N PRO A 344 -17.41 6.90 -18.51
CA PRO A 344 -18.62 7.27 -17.76
C PRO A 344 -18.44 8.47 -16.84
N PRO A 345 -19.51 9.24 -16.63
CA PRO A 345 -19.50 10.45 -15.81
C PRO A 345 -19.23 10.18 -14.33
N LEU A 346 -18.69 11.18 -13.63
CA LEU A 346 -18.51 11.06 -12.18
C LEU A 346 -19.88 11.20 -11.51
N ARG A 347 -20.26 10.20 -10.73
CA ARG A 347 -21.58 10.19 -10.11
C ARG A 347 -21.56 10.09 -8.60
N TYR A 348 -22.36 10.92 -7.95
CA TYR A 348 -22.57 10.79 -6.52
C TYR A 348 -23.92 10.16 -6.25
N GLN A 349 -24.00 9.37 -5.19
CA GLN A 349 -25.27 8.84 -4.72
C GLN A 349 -25.42 9.13 -3.24
N THR A 350 -26.49 9.84 -2.89
CA THR A 350 -26.80 10.12 -1.47
C THR A 350 -28.23 9.70 -1.15
N ASP A 351 -28.64 9.94 0.10
CA ASP A 351 -30.01 9.62 0.52
C ASP A 351 -31.07 10.37 -0.28
N SER A 352 -30.77 11.64 -0.60
CA SER A 352 -31.69 12.52 -1.32
C SER A 352 -31.60 12.33 -2.82
N GLY A 353 -30.77 11.39 -3.26
CA GLY A 353 -30.71 11.08 -4.67
C GLY A 353 -29.33 10.98 -5.30
N CYS A 354 -29.31 11.16 -6.61
CA CYS A 354 -28.12 10.96 -7.42
C CYS A 354 -27.64 12.30 -7.99
N TRP A 355 -26.33 12.54 -7.94
CA TRP A 355 -25.75 13.81 -8.41
C TRP A 355 -24.63 13.60 -9.43
N TYR A 356 -24.21 14.67 -10.09
CA TYR A 356 -23.13 14.59 -11.07
C TYR A 356 -21.93 15.43 -10.64
N GLY A 357 -20.75 15.05 -11.14
CA GLY A 357 -19.52 15.74 -10.80
C GLY A 357 -19.54 17.20 -11.20
N MET A 358 -18.64 17.98 -10.63
CA MET A 358 -18.62 19.42 -10.82
C MET A 358 -18.55 19.81 -12.28
N GLU A 359 -17.84 19.01 -13.07
CA GLU A 359 -17.61 19.38 -14.45
C GLU A 359 -18.83 19.04 -15.32
N ILE A 360 -19.85 18.45 -14.72
CA ILE A 360 -21.02 18.05 -15.48
C ILE A 360 -22.22 18.91 -15.16
N ARG A 361 -22.71 19.61 -16.18
CA ARG A 361 -23.75 20.62 -16.06
C ARG A 361 -25.02 20.27 -16.83
N PRO A 362 -26.17 20.75 -16.34
CA PRO A 362 -27.42 20.62 -17.09
C PRO A 362 -27.29 21.32 -18.44
N GLN A 363 -27.81 20.73 -19.51
CA GLN A 363 -27.62 21.30 -20.85
C GLN A 363 -28.57 22.45 -21.12
N ARG A 364 -29.76 22.37 -20.53
CA ARG A 364 -30.78 23.40 -20.72
C ARG A 364 -30.54 24.53 -19.74
N HIS A 365 -30.42 25.75 -20.27
CA HIS A 365 -30.05 26.90 -19.46
C HIS A 365 -31.18 27.44 -18.58
N ASP A 366 -32.42 27.02 -18.82
CA ASP A 366 -33.50 27.39 -17.94
C ASP A 366 -33.30 26.71 -16.59
N GLU A 367 -33.00 27.52 -15.57
CA GLU A 367 -32.84 26.99 -14.23
C GLU A 367 -34.19 26.72 -13.61
N LYS A 368 -34.39 25.49 -13.15
CA LYS A 368 -35.65 25.09 -12.57
C LYS A 368 -35.55 25.16 -11.06
N THR A 369 -34.70 26.06 -10.58
CA THR A 369 -34.24 26.07 -9.19
C THR A 369 -33.66 24.70 -8.85
N LEU A 370 -32.40 24.51 -9.24
CA LEU A 370 -31.74 23.25 -9.04
C LEU A 370 -31.28 23.04 -7.61
N VAL A 371 -31.03 21.79 -7.24
CA VAL A 371 -30.44 21.48 -5.95
C VAL A 371 -28.95 21.29 -6.15
N GLN A 372 -28.17 22.19 -5.55
CA GLN A 372 -26.73 22.17 -5.75
C GLN A 372 -26.01 22.13 -4.42
N SER A 373 -24.78 21.60 -4.44
CA SER A 373 -23.94 21.56 -3.25
C SER A 373 -23.55 22.97 -2.82
N GLN A 374 -23.52 23.23 -1.52
CA GLN A 374 -23.09 24.55 -1.09
C GLN A 374 -21.85 24.51 -0.20
N VAL A 375 -20.97 23.54 -0.47
CA VAL A 375 -19.90 23.22 0.46
C VAL A 375 -18.62 24.01 0.16
N ASN A 376 -18.12 23.92 -1.08
CA ASN A 376 -16.91 24.64 -1.47
C ASN A 376 -15.76 24.38 -0.51
N ALA A 377 -15.17 23.19 -0.62
CA ALA A 377 -14.11 22.77 0.28
C ALA A 377 -12.81 22.52 -0.45
N HIS B 5 -2.38 -22.61 -31.38
CA HIS B 5 -1.35 -22.84 -30.37
C HIS B 5 -1.86 -23.79 -29.27
N HIS B 6 -1.18 -24.92 -29.10
CA HIS B 6 -1.67 -25.99 -28.24
C HIS B 6 -0.96 -26.14 -26.90
N HIS B 7 -0.14 -25.18 -26.51
CA HIS B 7 0.51 -25.26 -25.22
C HIS B 7 -0.26 -24.50 -24.16
N HIS B 8 -1.41 -23.96 -24.55
CA HIS B 8 -2.18 -23.11 -23.65
C HIS B 8 -3.68 -23.30 -23.82
N SER B 9 -4.39 -23.41 -22.68
CA SER B 9 -5.85 -23.46 -22.64
C SER B 9 -6.31 -22.72 -21.39
N SER B 10 -7.32 -21.86 -21.55
CA SER B 10 -7.82 -21.04 -20.45
C SER B 10 -8.95 -21.74 -19.69
N GLY B 11 -9.42 -21.10 -18.61
CA GLY B 11 -10.48 -21.68 -17.80
C GLY B 11 -11.72 -20.83 -17.67
N VAL B 12 -11.68 -19.83 -16.79
CA VAL B 12 -12.87 -19.04 -16.45
C VAL B 12 -12.68 -17.52 -16.61
N ASP B 13 -11.44 -17.03 -16.42
CA ASP B 13 -11.10 -15.61 -16.57
C ASP B 13 -11.90 -14.67 -15.66
N LEU B 14 -11.61 -13.37 -15.77
CA LEU B 14 -12.17 -12.37 -14.86
C LEU B 14 -13.57 -11.92 -15.26
N GLY B 15 -13.77 -11.68 -16.54
CA GLY B 15 -15.00 -11.11 -17.05
C GLY B 15 -16.25 -11.97 -16.90
N THR B 16 -16.08 -13.22 -16.47
CA THR B 16 -17.21 -14.12 -16.24
C THR B 16 -18.15 -13.54 -15.19
N GLU B 17 -19.45 -13.63 -15.46
CA GLU B 17 -20.47 -13.02 -14.60
C GLU B 17 -20.54 -13.66 -13.22
N ASN B 18 -19.89 -13.02 -12.24
CA ASN B 18 -19.92 -13.49 -10.87
C ASN B 18 -20.97 -12.76 -10.04
N LEU B 19 -22.10 -13.42 -9.78
CA LEU B 19 -23.16 -12.86 -8.95
C LEU B 19 -22.78 -12.90 -7.46
N TYR B 20 -21.99 -13.90 -7.08
CA TYR B 20 -21.64 -14.12 -5.67
C TYR B 20 -20.69 -13.06 -5.07
N PHE B 21 -19.65 -12.68 -5.80
CA PHE B 21 -18.66 -11.73 -5.26
C PHE B 21 -17.85 -10.97 -6.31
N GLN B 22 -17.08 -10.00 -5.86
CA GLN B 22 -16.20 -9.23 -6.73
C GLN B 22 -15.09 -10.14 -7.26
N SER B 23 -14.98 -10.26 -8.57
CA SER B 23 -14.07 -11.24 -9.18
C SER B 23 -12.62 -10.83 -9.17
N ASN B 24 -12.33 -9.57 -8.89
CA ASN B 24 -10.94 -9.12 -9.01
C ASN B 24 -10.40 -8.77 -7.64
N ALA B 25 -11.20 -9.07 -6.62
CA ALA B 25 -10.75 -8.95 -5.25
C ALA B 25 -10.52 -10.37 -4.71
N ASP B 26 -9.80 -10.49 -3.61
CA ASP B 26 -9.64 -11.79 -2.97
C ASP B 26 -10.85 -12.01 -2.10
N THR B 27 -11.37 -13.23 -2.09
CA THR B 27 -12.58 -13.53 -1.34
C THR B 27 -12.35 -14.73 -0.46
N GLY B 28 -12.52 -14.54 0.86
CA GLY B 28 -12.28 -15.62 1.79
C GLY B 28 -12.48 -15.24 3.24
N CYS B 29 -11.88 -16.02 4.12
CA CYS B 29 -11.93 -15.79 5.55
C CYS B 29 -10.53 -15.80 6.13
N ALA B 30 -10.36 -15.09 7.23
CA ALA B 30 -9.07 -15.02 7.90
C ALA B 30 -9.28 -14.76 9.36
N ILE B 31 -8.31 -15.18 10.14
CA ILE B 31 -8.28 -14.92 11.56
C ILE B 31 -7.35 -13.76 11.79
N ASP B 32 -7.79 -12.76 12.54
CA ASP B 32 -6.95 -11.63 12.91
C ASP B 32 -6.40 -11.98 14.27
N ILE B 33 -5.16 -12.44 14.28
CA ILE B 33 -4.54 -12.98 15.49
C ILE B 33 -4.36 -11.89 16.54
N SER B 34 -4.19 -10.63 16.13
CA SER B 34 -4.15 -9.55 17.12
C SER B 34 -5.45 -9.49 17.90
N ARG B 35 -6.56 -9.27 17.19
CA ARG B 35 -7.86 -9.13 17.84
C ARG B 35 -8.52 -10.46 18.11
N GLN B 36 -7.92 -11.53 17.62
CA GLN B 36 -8.44 -12.87 17.85
C GLN B 36 -9.87 -13.07 17.31
N GLU B 37 -10.09 -12.72 16.05
CA GLU B 37 -11.43 -12.77 15.49
C GLU B 37 -11.43 -13.38 14.10
N LEU B 38 -12.58 -13.90 13.71
CA LEU B 38 -12.73 -14.51 12.39
C LEU B 38 -13.55 -13.61 11.52
N ARG B 39 -13.00 -13.27 10.37
CA ARG B 39 -13.68 -12.34 9.49
C ARG B 39 -13.65 -12.80 8.03
N CYS B 40 -14.83 -12.77 7.41
CA CYS B 40 -14.98 -13.10 6.00
C CYS B 40 -15.30 -11.87 5.18
N GLY B 41 -15.09 -11.96 3.88
CA GLY B 41 -15.33 -10.83 3.01
C GLY B 41 -14.47 -10.80 1.78
N SER B 42 -14.46 -9.64 1.14
CA SER B 42 -13.69 -9.43 -0.08
C SER B 42 -12.68 -8.33 0.13
N GLY B 43 -11.58 -8.38 -0.61
CA GLY B 43 -10.59 -7.32 -0.54
C GLY B 43 -9.26 -7.74 -1.11
N VAL B 44 -8.20 -7.47 -0.37
CA VAL B 44 -6.85 -7.79 -0.80
C VAL B 44 -6.15 -8.60 0.26
N PHE B 45 -5.69 -9.78 -0.13
CA PHE B 45 -4.98 -10.66 0.80
C PHE B 45 -3.53 -10.83 0.32
N ILE B 46 -2.59 -10.37 1.12
CA ILE B 46 -1.16 -10.46 0.89
C ILE B 46 -0.57 -11.65 1.65
N HIS B 47 0.05 -12.60 0.94
CA HIS B 47 0.70 -13.73 1.61
C HIS B 47 2.20 -13.65 1.51
N ASN B 48 2.89 -14.33 2.42
CA ASN B 48 4.34 -14.43 2.39
C ASN B 48 4.74 -15.63 1.53
N ASP B 49 5.40 -15.35 0.41
CA ASP B 49 5.74 -16.39 -0.56
C ASP B 49 7.25 -16.57 -0.65
N VAL B 50 8.00 -15.58 -0.17
CA VAL B 50 9.46 -15.66 -0.22
C VAL B 50 9.96 -16.77 0.69
N GLU B 51 9.27 -16.95 1.81
CA GLU B 51 9.69 -17.92 2.82
C GLU B 51 8.91 -19.24 2.77
N ALA B 52 8.16 -19.44 1.70
CA ALA B 52 7.43 -20.69 1.49
C ALA B 52 8.41 -21.82 1.23
N TRP B 53 8.04 -23.03 1.62
CA TRP B 53 8.98 -24.15 1.63
C TRP B 53 9.14 -24.74 0.22
N MET B 54 8.23 -24.35 -0.66
CA MET B 54 8.26 -24.75 -2.05
C MET B 54 7.69 -23.62 -2.88
N ASP B 55 7.85 -23.70 -4.19
CA ASP B 55 7.39 -22.63 -5.06
C ASP B 55 5.94 -22.82 -5.49
N ARG B 56 5.12 -21.83 -5.17
CA ARG B 56 3.70 -21.83 -5.53
C ARG B 56 3.57 -21.38 -6.98
N TYR B 57 4.34 -20.38 -7.33
CA TYR B 57 4.34 -19.82 -8.68
C TYR B 57 5.49 -20.30 -9.58
N LYS B 58 5.19 -20.53 -10.86
CA LYS B 58 6.20 -20.96 -11.82
C LYS B 58 5.94 -20.28 -13.15
N TYR B 59 7.00 -19.77 -13.78
CA TYR B 59 6.89 -19.10 -15.07
C TYR B 59 6.85 -20.09 -16.23
N TYR B 60 6.02 -19.78 -17.21
CA TYR B 60 6.00 -20.51 -18.46
C TYR B 60 5.66 -19.52 -19.57
N PRO B 61 6.25 -19.71 -20.76
CA PRO B 61 5.85 -18.80 -21.84
C PRO B 61 4.43 -19.06 -22.34
N GLU B 62 3.72 -18.00 -22.72
CA GLU B 62 2.39 -18.14 -23.30
C GLU B 62 2.42 -19.08 -24.51
N THR B 63 3.33 -18.82 -25.44
CA THR B 63 3.61 -19.76 -26.52
C THR B 63 5.11 -19.97 -26.66
N PRO B 64 5.57 -21.20 -26.37
CA PRO B 64 6.96 -21.60 -26.58
C PRO B 64 7.42 -21.33 -28.02
N GLN B 65 6.59 -21.69 -29.00
CA GLN B 65 6.93 -21.46 -30.40
C GLN B 65 7.23 -20.00 -30.65
N GLY B 66 6.32 -19.13 -30.22
CA GLY B 66 6.50 -17.70 -30.39
C GLY B 66 7.76 -17.19 -29.73
N LEU B 67 8.06 -17.72 -28.54
CA LEU B 67 9.25 -17.31 -27.80
C LEU B 67 10.52 -17.68 -28.55
N ALA B 68 10.51 -18.85 -29.18
CA ALA B 68 11.65 -19.30 -29.96
C ALA B 68 11.91 -18.35 -31.12
N LYS B 69 10.85 -17.82 -31.70
CA LYS B 69 10.96 -16.88 -32.81
C LYS B 69 11.47 -15.51 -32.33
N ILE B 70 11.02 -15.09 -31.15
CA ILE B 70 11.49 -13.84 -30.54
C ILE B 70 13.01 -13.90 -30.35
N ILE B 71 13.50 -15.08 -30.01
CA ILE B 71 14.91 -15.26 -29.74
C ILE B 71 15.73 -15.20 -31.02
N GLN B 72 15.31 -15.96 -32.03
CA GLN B 72 16.05 -16.00 -33.30
C GLN B 72 16.05 -14.63 -33.95
N LYS B 73 14.99 -13.86 -33.71
CA LYS B 73 14.94 -12.48 -34.18
C LYS B 73 16.01 -11.68 -33.47
N ALA B 74 16.04 -11.80 -32.15
CA ALA B 74 16.99 -11.09 -31.33
C ALA B 74 18.41 -11.49 -31.69
N HIS B 75 18.60 -12.77 -32.02
CA HIS B 75 19.90 -13.28 -32.42
C HIS B 75 20.39 -12.64 -33.71
N LYS B 76 19.48 -12.41 -34.65
CA LYS B 76 19.82 -11.78 -35.92
C LYS B 76 20.26 -10.34 -35.69
N GLU B 77 19.69 -9.71 -34.67
CA GLU B 77 19.93 -8.30 -34.42
C GLU B 77 21.11 -8.05 -33.49
N GLY B 78 21.88 -9.11 -33.20
CA GLY B 78 23.10 -8.95 -32.44
C GLY B 78 23.00 -9.23 -30.96
N VAL B 79 21.83 -9.63 -30.50
CA VAL B 79 21.64 -9.95 -29.09
C VAL B 79 22.23 -11.32 -28.77
N CYS B 80 23.36 -11.32 -28.07
CA CYS B 80 24.12 -12.55 -27.85
C CYS B 80 23.51 -13.42 -26.78
N GLY B 81 22.77 -12.80 -25.85
CA GLY B 81 22.20 -13.54 -24.74
C GLY B 81 21.25 -12.75 -23.88
N LEU B 82 21.09 -13.20 -22.64
CA LEU B 82 20.06 -12.66 -21.75
C LEU B 82 20.47 -12.79 -20.29
N ARG B 83 20.01 -11.84 -19.47
CA ARG B 83 20.14 -11.97 -18.03
C ARG B 83 18.77 -11.91 -17.38
N SER B 84 18.47 -12.90 -16.56
CA SER B 84 17.16 -12.97 -15.91
C SER B 84 17.01 -11.87 -14.88
N VAL B 85 15.75 -11.53 -14.60
CA VAL B 85 15.46 -10.55 -13.57
C VAL B 85 15.44 -11.22 -12.20
N SER B 86 15.13 -12.51 -12.19
CA SER B 86 14.90 -13.23 -10.94
C SER B 86 15.19 -14.72 -11.02
N ARG B 87 15.34 -15.35 -9.86
CA ARG B 87 15.54 -16.80 -9.76
C ARG B 87 14.43 -17.55 -10.47
N LEU B 88 13.18 -17.10 -10.27
CA LEU B 88 12.04 -17.75 -10.92
C LEU B 88 12.15 -17.72 -12.44
N GLU B 89 12.57 -16.58 -12.99
CA GLU B 89 12.75 -16.50 -14.43
C GLU B 89 13.88 -17.44 -14.83
N HIS B 90 14.96 -17.42 -14.05
CA HIS B 90 16.09 -18.29 -14.34
C HIS B 90 15.65 -19.75 -14.38
N GLN B 91 14.81 -20.14 -13.42
CA GLN B 91 14.35 -21.53 -13.38
C GLN B 91 13.44 -21.86 -14.55
N MET B 92 12.74 -20.86 -15.09
CA MET B 92 11.95 -21.09 -16.29
C MET B 92 12.86 -21.43 -17.48
N TRP B 93 13.84 -20.56 -17.74
CA TRP B 93 14.82 -20.77 -18.81
C TRP B 93 15.50 -22.11 -18.65
N GLU B 94 15.93 -22.40 -17.43
CA GLU B 94 16.56 -23.66 -17.13
C GLU B 94 15.64 -24.82 -17.46
N ALA B 95 14.33 -24.60 -17.30
CA ALA B 95 13.33 -25.67 -17.47
C ALA B 95 12.76 -25.78 -18.87
N VAL B 96 12.92 -24.73 -19.67
CA VAL B 96 12.26 -24.68 -20.96
C VAL B 96 13.29 -24.70 -22.12
N LYS B 97 14.58 -24.74 -21.80
CA LYS B 97 15.62 -24.65 -22.84
C LYS B 97 15.60 -25.82 -23.81
N ASP B 98 15.42 -27.03 -23.30
CA ASP B 98 15.41 -28.21 -24.14
C ASP B 98 14.23 -28.15 -25.10
N GLU B 99 13.13 -27.56 -24.64
CA GLU B 99 11.94 -27.39 -25.46
C GLU B 99 12.20 -26.38 -26.56
N LEU B 100 12.88 -25.29 -26.20
CA LEU B 100 13.22 -24.25 -27.16
C LEU B 100 14.17 -24.78 -28.22
N ASN B 101 15.21 -25.47 -27.77
CA ASN B 101 16.21 -26.01 -28.66
C ASN B 101 15.56 -26.94 -29.69
N THR B 102 14.58 -27.71 -29.26
CA THR B 102 13.85 -28.62 -30.14
C THR B 102 13.12 -27.85 -31.22
N LEU B 103 12.47 -26.74 -30.84
CA LEU B 103 11.77 -25.89 -31.79
C LEU B 103 12.73 -25.36 -32.85
N LEU B 104 13.86 -24.83 -32.37
CA LEU B 104 14.88 -24.28 -33.24
C LEU B 104 15.46 -25.36 -34.17
N LYS B 105 15.78 -26.51 -33.59
CA LYS B 105 16.34 -27.62 -34.34
C LYS B 105 15.44 -28.09 -35.47
N GLU B 106 14.19 -28.38 -35.14
CA GLU B 106 13.24 -28.96 -36.09
C GLU B 106 12.84 -27.96 -37.17
N ASN B 107 13.12 -26.68 -36.93
CA ASN B 107 12.85 -25.66 -37.93
C ASN B 107 14.12 -25.23 -38.67
N GLY B 108 15.15 -26.06 -38.56
CA GLY B 108 16.41 -25.84 -39.25
C GLY B 108 17.05 -24.50 -38.95
N VAL B 109 17.05 -24.13 -37.67
CA VAL B 109 17.66 -22.88 -37.24
C VAL B 109 18.94 -23.16 -36.45
N ASP B 110 20.06 -22.71 -36.99
CA ASP B 110 21.35 -22.94 -36.34
C ASP B 110 21.48 -22.06 -35.12
N LEU B 111 20.82 -22.46 -34.04
CA LEU B 111 20.84 -21.71 -32.79
C LEU B 111 20.41 -22.60 -31.64
N SER B 112 21.13 -22.52 -30.52
CA SER B 112 20.77 -23.28 -29.34
C SER B 112 20.82 -22.38 -28.13
N VAL B 113 19.90 -22.61 -27.21
CA VAL B 113 19.86 -21.82 -25.99
C VAL B 113 20.73 -22.48 -24.94
N VAL B 114 21.58 -21.67 -24.32
CA VAL B 114 22.48 -22.13 -23.28
C VAL B 114 22.18 -21.33 -22.02
N VAL B 115 21.82 -22.02 -20.93
CA VAL B 115 21.55 -21.32 -19.69
C VAL B 115 22.52 -21.81 -18.61
N GLU B 116 23.28 -20.87 -18.06
CA GLU B 116 24.30 -21.17 -17.08
C GLU B 116 23.79 -20.87 -15.68
N LYS B 117 24.43 -21.46 -14.68
CA LYS B 117 24.06 -21.22 -13.30
C LYS B 117 24.33 -19.78 -12.88
N GLN B 118 23.39 -19.20 -12.13
CA GLN B 118 23.58 -17.86 -11.59
C GLN B 118 23.73 -17.89 -10.07
N GLU B 119 24.91 -17.51 -9.57
CA GLU B 119 25.15 -17.57 -8.13
C GLU B 119 24.89 -16.23 -7.45
N GLY B 120 25.35 -15.15 -8.07
CA GLY B 120 25.26 -13.84 -7.46
C GLY B 120 23.92 -13.13 -7.62
N MET B 121 23.97 -11.81 -7.58
CA MET B 121 22.78 -10.99 -7.81
C MET B 121 22.39 -10.96 -9.29
N TYR B 122 21.09 -10.79 -9.54
CA TYR B 122 20.63 -10.74 -10.92
C TYR B 122 20.76 -9.33 -11.46
N LYS B 123 21.73 -9.14 -12.34
CA LYS B 123 22.07 -7.80 -12.81
C LYS B 123 21.25 -7.39 -14.03
N SER B 124 21.22 -6.09 -14.26
CA SER B 124 20.47 -5.48 -15.34
C SER B 124 21.21 -5.60 -16.68
N ALA B 125 20.51 -5.31 -17.77
CA ALA B 125 21.10 -5.29 -19.12
C ALA B 125 20.31 -4.31 -20.01
N PRO B 126 20.96 -3.78 -21.07
CA PRO B 126 20.36 -2.69 -21.88
C PRO B 126 19.40 -3.16 -22.98
N LYS B 127 19.67 -4.32 -23.58
CA LYS B 127 18.87 -4.81 -24.70
C LYS B 127 17.49 -5.30 -24.25
N ARG B 128 16.56 -5.39 -25.19
CA ARG B 128 15.21 -5.88 -24.93
C ARG B 128 14.74 -6.81 -26.05
N LEU B 129 14.12 -7.93 -25.70
CA LEU B 129 13.45 -8.73 -26.72
C LEU B 129 12.25 -7.96 -27.26
N THR B 130 11.90 -8.20 -28.52
CA THR B 130 10.74 -7.53 -29.11
C THR B 130 9.90 -8.50 -29.91
N ALA B 131 8.62 -8.20 -30.03
CA ALA B 131 7.70 -9.06 -30.76
C ALA B 131 7.98 -9.01 -32.26
N THR B 132 7.54 -10.05 -32.98
CA THR B 132 7.79 -10.15 -34.41
C THR B 132 6.91 -9.22 -35.26
N THR B 133 7.35 -8.92 -36.47
CA THR B 133 6.57 -8.10 -37.39
C THR B 133 6.29 -8.84 -38.69
N ASN B 155 28.73 -16.41 -33.61
CA ASN B 155 28.40 -17.64 -32.90
C ASN B 155 26.92 -18.02 -33.01
N ASN B 156 26.61 -19.28 -32.70
CA ASN B 156 25.26 -19.81 -32.84
C ASN B 156 24.62 -20.20 -31.52
N THR B 157 24.83 -19.40 -30.49
CA THR B 157 24.29 -19.71 -29.16
C THR B 157 23.58 -18.51 -28.54
N PHE B 158 22.55 -18.79 -27.75
CA PHE B 158 21.86 -17.77 -26.97
C PHE B 158 22.10 -18.07 -25.49
N VAL B 159 22.94 -17.25 -24.84
CA VAL B 159 23.39 -17.57 -23.49
C VAL B 159 22.54 -16.87 -22.43
N VAL B 160 22.02 -17.64 -21.49
CA VAL B 160 21.21 -17.07 -20.41
C VAL B 160 21.99 -17.13 -19.10
N ASP B 161 22.17 -15.95 -18.51
CA ASP B 161 22.88 -15.81 -17.24
C ASP B 161 24.30 -16.36 -17.29
N GLY B 162 24.80 -16.77 -16.12
CA GLY B 162 26.17 -17.23 -16.00
C GLY B 162 27.11 -16.09 -15.69
N PRO B 163 28.40 -16.39 -15.62
CA PRO B 163 29.36 -15.33 -15.28
C PRO B 163 29.53 -14.32 -16.41
N GLU B 164 30.13 -13.17 -16.11
CA GLU B 164 30.32 -12.13 -17.11
C GLU B 164 31.49 -12.56 -18.02
N THR B 165 31.25 -12.59 -19.32
CA THR B 165 32.26 -13.05 -20.29
C THR B 165 32.49 -12.07 -21.44
N LYS B 166 33.62 -12.23 -22.13
CA LYS B 166 33.92 -11.42 -23.30
C LYS B 166 33.18 -11.93 -24.53
N GLU B 167 32.94 -13.24 -24.55
CA GLU B 167 32.24 -13.89 -25.64
C GLU B 167 30.79 -13.39 -25.73
N CYS B 168 30.17 -13.16 -24.58
CA CYS B 168 28.82 -12.63 -24.53
C CYS B 168 28.64 -11.63 -23.40
N PRO B 169 29.09 -10.39 -23.62
CA PRO B 169 29.05 -9.33 -22.60
C PRO B 169 27.63 -8.90 -22.26
N THR B 170 27.41 -8.39 -21.06
CA THR B 170 26.08 -7.97 -20.61
C THR B 170 25.48 -6.90 -21.51
N GLN B 171 26.33 -5.98 -21.98
CA GLN B 171 25.88 -4.86 -22.79
C GLN B 171 25.24 -5.29 -24.11
N ASN B 172 25.34 -6.57 -24.45
CA ASN B 172 24.67 -7.10 -25.63
C ASN B 172 23.60 -8.11 -25.25
N ARG B 173 23.24 -8.13 -23.98
CA ARG B 173 22.22 -9.06 -23.50
C ARG B 173 20.90 -8.37 -23.21
N ALA B 174 19.81 -9.12 -23.26
CA ALA B 174 18.50 -8.56 -22.96
C ALA B 174 18.13 -8.85 -21.51
N TRP B 175 17.23 -8.04 -20.98
CA TRP B 175 16.83 -8.10 -19.58
C TRP B 175 15.49 -7.41 -19.36
N ASN B 176 14.65 -8.00 -18.52
CA ASN B 176 13.33 -7.45 -18.20
C ASN B 176 12.48 -7.26 -19.45
N SER B 177 12.59 -8.20 -20.40
CA SER B 177 11.85 -8.11 -21.63
C SER B 177 10.48 -8.79 -21.56
N LEU B 178 10.24 -9.51 -20.47
CA LEU B 178 9.01 -10.29 -20.35
C LEU B 178 8.19 -9.88 -19.12
N GLU B 179 6.88 -10.07 -19.23
CA GLU B 179 5.97 -9.80 -18.12
C GLU B 179 4.82 -10.80 -18.16
N VAL B 180 4.13 -10.92 -17.03
CA VAL B 180 3.00 -11.82 -16.90
C VAL B 180 1.75 -11.33 -17.63
N GLU B 181 1.23 -12.15 -18.56
CA GLU B 181 -0.05 -11.86 -19.21
C GLU B 181 -1.22 -12.36 -18.36
N ASP B 182 -1.24 -13.66 -18.05
CA ASP B 182 -2.29 -14.22 -17.19
C ASP B 182 -1.81 -15.46 -16.42
N PHE B 183 -2.61 -15.95 -15.48
CA PHE B 183 -2.16 -17.08 -14.68
C PHE B 183 -2.75 -18.42 -15.11
N GLY B 184 -2.08 -19.50 -14.72
CA GLY B 184 -2.52 -20.84 -15.02
C GLY B 184 -2.94 -21.63 -13.80
N PHE B 185 -4.13 -22.23 -13.80
CA PHE B 185 -4.56 -22.99 -12.64
C PHE B 185 -3.69 -24.24 -12.44
N GLY B 186 -3.50 -24.59 -11.16
CA GLY B 186 -2.80 -25.80 -10.77
C GLY B 186 -3.26 -26.17 -9.37
N LEU B 187 -2.92 -27.37 -8.91
CA LEU B 187 -3.38 -27.80 -7.59
C LEU B 187 -2.52 -27.33 -6.41
N THR B 188 -1.22 -27.60 -6.47
CA THR B 188 -0.31 -27.15 -5.43
C THR B 188 0.60 -26.05 -5.95
N SER B 189 0.32 -25.57 -7.16
CA SER B 189 1.13 -24.50 -7.75
C SER B 189 0.46 -23.87 -8.95
N THR B 190 0.67 -22.57 -9.10
CA THR B 190 0.04 -21.78 -10.14
C THR B 190 1.06 -21.40 -11.21
N ARG B 191 0.68 -21.50 -12.47
CA ARG B 191 1.53 -21.02 -13.55
C ARG B 191 1.35 -19.55 -13.83
N MET B 192 2.45 -18.93 -14.19
CA MET B 192 2.43 -17.54 -14.60
C MET B 192 2.93 -17.49 -16.04
N PHE B 193 2.07 -17.04 -16.96
CA PHE B 193 2.45 -17.04 -18.37
C PHE B 193 3.05 -15.72 -18.81
N LEU B 194 4.22 -15.80 -19.45
CA LEU B 194 4.98 -14.60 -19.80
C LEU B 194 4.77 -14.22 -21.26
N LYS B 195 4.58 -12.92 -21.48
CA LYS B 195 4.53 -12.36 -22.83
C LYS B 195 5.63 -11.33 -23.04
N VAL B 196 5.86 -10.95 -24.29
CA VAL B 196 6.86 -9.92 -24.54
C VAL B 196 6.31 -8.51 -24.24
N ARG B 197 7.04 -7.79 -23.40
CA ARG B 197 6.73 -6.41 -23.06
C ARG B 197 6.66 -5.53 -24.31
N GLU B 198 5.68 -4.64 -24.34
CA GLU B 198 5.49 -3.75 -25.48
C GLU B 198 6.39 -2.53 -25.33
N SER B 199 6.88 -2.31 -24.12
CA SER B 199 7.66 -1.12 -23.81
C SER B 199 9.01 -1.43 -23.18
N ASN B 200 9.75 -0.36 -22.88
CA ASN B 200 11.04 -0.45 -22.24
C ASN B 200 10.94 0.18 -20.86
N THR B 201 11.11 -0.63 -19.82
CA THR B 201 11.20 -0.10 -18.46
C THR B 201 12.25 -0.83 -17.64
N THR B 202 12.51 -0.28 -16.46
CA THR B 202 13.39 -0.92 -15.50
C THR B 202 12.54 -1.45 -14.36
N GLU B 203 11.24 -1.15 -14.43
CA GLU B 203 10.31 -1.46 -13.37
C GLU B 203 10.10 -2.94 -13.22
N CYS B 204 9.85 -3.37 -11.98
CA CYS B 204 9.52 -4.77 -11.73
C CYS B 204 8.11 -5.04 -12.25
N ASP B 205 7.82 -6.30 -12.63
CA ASP B 205 6.48 -6.68 -13.05
C ASP B 205 5.49 -6.48 -11.90
N SER B 206 4.49 -5.62 -12.12
CA SER B 206 3.60 -5.21 -11.04
C SER B 206 2.53 -6.28 -10.79
N LYS B 207 2.37 -7.19 -11.74
CA LYS B 207 1.32 -8.17 -11.62
C LYS B 207 1.54 -9.08 -10.43
N ILE B 208 2.79 -9.22 -10.01
CA ILE B 208 3.09 -10.10 -8.89
C ILE B 208 3.45 -9.35 -7.62
N ILE B 209 3.19 -8.05 -7.59
CA ILE B 209 3.51 -7.24 -6.42
C ILE B 209 2.31 -7.13 -5.47
N GLY B 210 2.57 -7.32 -4.18
CA GLY B 210 1.57 -7.10 -3.16
C GLY B 210 2.09 -6.17 -2.09
N THR B 211 1.38 -5.07 -1.86
CA THR B 211 1.76 -4.09 -0.85
C THR B 211 0.57 -3.79 0.03
N ALA B 212 0.79 -3.81 1.35
CA ALA B 212 -0.31 -3.57 2.27
C ALA B 212 0.18 -3.02 3.59
N VAL B 213 -0.71 -2.28 4.25
CA VAL B 213 -0.47 -1.82 5.61
C VAL B 213 -1.76 -1.92 6.41
N LYS B 214 -1.67 -2.56 7.56
CA LYS B 214 -2.81 -2.76 8.42
C LYS B 214 -2.32 -2.93 9.85
N ASN B 215 -3.06 -2.36 10.80
CA ASN B 215 -2.69 -2.42 12.20
C ASN B 215 -1.24 -1.95 12.38
N ASN B 216 -0.90 -0.87 11.67
CA ASN B 216 0.43 -0.27 11.74
C ASN B 216 1.59 -1.25 11.56
N LEU B 217 1.43 -2.11 10.57
CA LEU B 217 2.45 -3.05 10.13
C LEU B 217 2.36 -2.94 8.61
N ALA B 218 3.49 -2.80 7.95
CA ALA B 218 3.48 -2.51 6.52
C ALA B 218 4.38 -3.42 5.70
N ILE B 219 3.81 -3.93 4.60
CA ILE B 219 4.49 -4.90 3.75
C ILE B 219 4.64 -4.39 2.32
N HIS B 220 5.87 -4.45 1.82
CA HIS B 220 6.15 -4.32 0.40
C HIS B 220 6.65 -5.68 -0.05
N SER B 221 5.95 -6.34 -0.96
CA SER B 221 6.28 -7.72 -1.28
C SER B 221 6.02 -8.12 -2.73
N ASP B 222 6.71 -9.17 -3.15
CA ASP B 222 6.38 -9.87 -4.39
C ASP B 222 6.85 -11.32 -4.23
N LEU B 223 7.25 -11.95 -5.32
CA LEU B 223 7.60 -13.37 -5.26
C LEU B 223 9.02 -13.65 -4.75
N SER B 224 9.76 -12.60 -4.37
CA SER B 224 11.14 -12.80 -3.92
C SER B 224 11.59 -11.76 -2.90
N TYR B 225 10.86 -10.66 -2.80
CA TYR B 225 11.13 -9.68 -1.76
C TYR B 225 10.01 -9.68 -0.73
N TRP B 226 10.37 -9.68 0.55
CA TRP B 226 9.39 -9.49 1.63
C TRP B 226 9.96 -8.45 2.56
N ILE B 227 9.40 -7.26 2.49
CA ILE B 227 9.91 -6.09 3.19
C ILE B 227 8.93 -5.55 4.20
N GLU B 228 9.28 -5.67 5.47
CA GLU B 228 8.34 -5.40 6.54
C GLU B 228 8.78 -4.25 7.43
N SER B 229 7.95 -3.22 7.49
CA SER B 229 8.19 -2.12 8.42
C SER B 229 7.03 -2.06 9.40
N ARG B 230 7.31 -1.58 10.61
CA ARG B 230 6.31 -1.55 11.67
C ARG B 230 6.44 -0.27 12.47
N LEU B 231 5.33 0.19 13.04
CA LEU B 231 5.34 1.32 13.95
C LEU B 231 5.55 0.82 15.37
N ASN B 232 6.76 1.01 15.89
CA ASN B 232 6.99 0.76 17.31
C ASN B 232 6.82 2.07 18.04
N ASP B 233 7.92 2.79 18.24
CA ASP B 233 7.81 4.17 18.70
C ASP B 233 7.82 5.04 17.46
N THR B 234 8.46 4.52 16.42
CA THR B 234 8.53 5.21 15.14
C THR B 234 8.38 4.21 14.01
N TRP B 235 8.04 4.70 12.83
CA TRP B 235 8.00 3.87 11.65
C TRP B 235 9.43 3.63 11.14
N LYS B 236 9.79 2.36 11.02
CA LYS B 236 11.11 1.98 10.53
C LYS B 236 11.10 0.56 9.99
N LEU B 237 12.08 0.26 9.14
CA LEU B 237 12.29 -1.08 8.61
C LEU B 237 12.58 -2.01 9.78
N GLU B 238 11.98 -3.20 9.78
CA GLU B 238 12.18 -4.14 10.88
C GLU B 238 12.76 -5.46 10.39
N ARG B 239 12.41 -5.84 9.17
CA ARG B 239 12.83 -7.13 8.63
C ARG B 239 12.66 -7.14 7.11
N ALA B 240 13.58 -7.80 6.43
CA ALA B 240 13.47 -7.95 4.99
C ALA B 240 14.03 -9.30 4.58
N VAL B 241 13.33 -9.97 3.69
CA VAL B 241 13.86 -11.23 3.17
C VAL B 241 13.95 -11.14 1.65
N LEU B 242 15.15 -11.37 1.15
CA LEU B 242 15.39 -11.33 -0.28
C LEU B 242 15.86 -12.69 -0.74
N GLY B 243 15.00 -13.41 -1.46
CA GLY B 243 15.35 -14.75 -1.93
C GLY B 243 16.44 -14.64 -2.98
N GLU B 244 16.55 -13.43 -3.53
CA GLU B 244 17.54 -13.11 -4.52
C GLU B 244 17.69 -11.61 -4.48
N VAL B 245 18.75 -11.10 -5.07
CA VAL B 245 18.88 -9.67 -5.18
C VAL B 245 18.79 -9.28 -6.64
N LYS B 246 17.73 -8.56 -6.99
CA LYS B 246 17.49 -8.17 -8.38
C LYS B 246 17.75 -6.69 -8.65
N SER B 247 17.69 -6.32 -9.92
CA SER B 247 18.11 -4.99 -10.34
C SER B 247 16.99 -4.20 -11.01
N CYS B 248 15.76 -4.68 -10.90
CA CYS B 248 14.65 -3.95 -11.48
C CYS B 248 14.21 -2.84 -10.53
N THR B 249 13.22 -2.06 -10.95
CA THR B 249 12.76 -0.89 -10.20
C THR B 249 11.41 -1.12 -9.53
N TRP B 250 11.30 -0.75 -8.26
CA TRP B 250 10.03 -0.90 -7.57
C TRP B 250 9.09 0.21 -7.96
N PRO B 251 7.92 -0.16 -8.52
CA PRO B 251 6.88 0.74 -9.05
C PRO B 251 6.32 1.69 -8.00
N GLU B 252 6.06 2.94 -8.38
CA GLU B 252 5.49 3.87 -7.42
C GLU B 252 4.02 3.54 -7.13
N THR B 253 3.33 2.94 -8.10
CA THR B 253 1.92 2.58 -7.93
C THR B 253 1.71 1.64 -6.76
N HIS B 254 2.73 0.84 -6.48
CA HIS B 254 2.66 -0.15 -5.42
C HIS B 254 3.58 0.20 -4.27
N THR B 255 3.81 1.50 -4.08
CA THR B 255 4.71 1.97 -3.05
C THR B 255 4.01 2.82 -1.98
N LEU B 256 4.25 2.48 -0.71
CA LEU B 256 3.69 3.28 0.38
C LEU B 256 4.64 4.40 0.77
N TRP B 257 4.09 5.51 1.23
CA TRP B 257 4.89 6.58 1.83
C TRP B 257 6.05 7.06 0.95
N GLY B 258 5.75 7.40 -0.29
CA GLY B 258 6.77 7.76 -1.27
C GLY B 258 6.95 9.24 -1.53
N ASP B 259 6.54 10.05 -0.55
CA ASP B 259 6.68 11.50 -0.63
C ASP B 259 7.94 11.98 0.10
N GLY B 260 8.61 12.99 -0.44
CA GLY B 260 9.74 13.62 0.23
C GLY B 260 10.86 12.65 0.53
N ILE B 261 11.38 12.01 -0.52
CA ILE B 261 12.35 10.94 -0.40
C ILE B 261 13.81 11.40 -0.55
N LEU B 262 14.65 11.00 0.41
CA LEU B 262 16.10 11.04 0.24
C LEU B 262 16.62 9.66 -0.01
N GLU B 263 17.06 9.40 -1.24
CA GLU B 263 17.43 8.05 -1.62
C GLU B 263 18.63 7.54 -0.83
N SER B 264 19.36 8.47 -0.20
CA SER B 264 20.52 8.18 0.65
C SER B 264 20.09 7.46 1.93
N ASP B 265 18.83 7.65 2.33
CA ASP B 265 18.35 7.10 3.59
C ASP B 265 17.75 5.72 3.37
N LEU B 266 17.46 5.38 2.12
CA LEU B 266 16.83 4.09 1.82
C LEU B 266 17.78 2.92 2.06
N ILE B 267 17.43 2.07 3.03
CA ILE B 267 18.28 0.95 3.44
C ILE B 267 18.55 0.02 2.27
N ILE B 268 17.50 -0.57 1.70
CA ILE B 268 17.66 -1.35 0.48
C ILE B 268 17.74 -0.43 -0.73
N PRO B 269 18.90 -0.40 -1.41
CA PRO B 269 19.12 0.50 -2.55
C PRO B 269 18.04 0.43 -3.63
N VAL B 270 17.63 1.60 -4.09
CA VAL B 270 16.65 1.73 -5.16
C VAL B 270 17.03 0.92 -6.40
N THR B 271 18.30 0.95 -6.75
CA THR B 271 18.79 0.23 -7.92
C THR B 271 18.74 -1.28 -7.72
N LEU B 272 18.41 -1.72 -6.50
CA LEU B 272 18.27 -3.14 -6.19
C LEU B 272 16.83 -3.49 -5.83
N ALA B 273 15.90 -2.88 -6.55
CA ALA B 273 14.45 -3.07 -6.37
C ALA B 273 14.00 -2.72 -4.97
N GLY B 274 14.73 -1.81 -4.32
CA GLY B 274 14.31 -1.31 -3.03
C GLY B 274 13.20 -0.31 -3.26
N PRO B 275 12.12 -0.43 -2.50
CA PRO B 275 10.98 0.48 -2.60
C PRO B 275 11.43 1.89 -2.29
N ARG B 276 11.09 2.84 -3.15
CA ARG B 276 11.39 4.24 -2.88
C ARG B 276 10.42 4.77 -1.82
N SER B 277 10.54 4.21 -0.62
CA SER B 277 9.58 4.43 0.45
C SER B 277 10.25 4.77 1.77
N ASN B 278 9.63 5.62 2.57
CA ASN B 278 10.18 6.00 3.87
C ASN B 278 10.05 4.86 4.90
N HIS B 279 9.37 3.79 4.49
CA HIS B 279 9.33 2.55 5.26
C HIS B 279 10.66 1.82 5.13
N ASN B 280 11.34 2.05 4.01
CA ASN B 280 12.63 1.47 3.70
C ASN B 280 13.76 2.31 4.32
N ARG B 281 13.63 2.58 5.62
CA ARG B 281 14.61 3.39 6.34
C ARG B 281 14.84 2.89 7.77
N ARG B 282 15.95 3.29 8.37
CA ARG B 282 16.20 2.99 9.78
C ARG B 282 17.11 4.05 10.36
N PRO B 283 16.61 4.79 11.36
CA PRO B 283 17.33 5.91 11.97
C PRO B 283 18.73 5.49 12.45
N GLY B 284 19.75 6.16 11.95
CA GLY B 284 21.10 5.81 12.30
C GLY B 284 21.79 5.15 11.13
N TYR B 285 21.01 4.85 10.09
CA TYR B 285 21.52 4.10 8.95
C TYR B 285 21.25 4.79 7.62
N LYS B 286 22.16 4.61 6.67
CA LYS B 286 21.99 5.16 5.34
C LYS B 286 21.95 4.02 4.33
N THR B 287 21.95 4.35 3.05
CA THR B 287 21.81 3.34 2.01
C THR B 287 22.91 2.29 2.11
N GLN B 288 22.50 1.04 2.19
CA GLN B 288 23.43 -0.07 2.23
C GLN B 288 23.87 -0.41 0.82
N ASN B 289 24.57 0.52 0.19
CA ASN B 289 25.04 0.32 -1.18
C ASN B 289 26.14 -0.74 -1.25
N GLN B 290 26.81 -0.97 -0.12
CA GLN B 290 27.86 -1.96 -0.07
C GLN B 290 27.50 -3.11 0.88
N GLY B 291 26.26 -3.56 0.81
CA GLY B 291 25.83 -4.72 1.58
C GLY B 291 26.19 -5.99 0.85
N PRO B 292 26.00 -7.14 1.50
CA PRO B 292 26.37 -8.42 0.88
C PRO B 292 25.32 -8.87 -0.12
N TRP B 293 25.21 -8.15 -1.24
CA TRP B 293 24.14 -8.43 -2.18
C TRP B 293 24.48 -9.58 -3.11
N ASP B 294 25.75 -9.96 -3.16
CA ASP B 294 26.18 -10.99 -4.10
C ASP B 294 26.24 -12.37 -3.45
N GLU B 295 25.50 -12.55 -2.37
CA GLU B 295 25.57 -13.78 -1.58
C GLU B 295 24.45 -14.76 -1.84
N GLY B 296 23.56 -14.43 -2.78
CA GLY B 296 22.37 -15.23 -2.99
C GLY B 296 21.28 -14.73 -2.08
N ARG B 297 20.59 -15.65 -1.41
CA ARG B 297 19.52 -15.27 -0.48
C ARG B 297 20.05 -14.36 0.61
N VAL B 298 19.36 -13.27 0.90
CA VAL B 298 19.81 -12.36 1.95
C VAL B 298 18.66 -11.98 2.88
N GLU B 299 18.89 -12.05 4.19
CA GLU B 299 17.89 -11.65 5.15
C GLU B 299 18.36 -10.52 6.05
N ILE B 300 17.64 -9.40 6.01
CA ILE B 300 17.93 -8.22 6.83
C ILE B 300 17.02 -8.15 8.05
N ASP B 301 17.60 -7.83 9.20
CA ASP B 301 16.81 -7.55 10.40
C ASP B 301 17.71 -6.83 11.39
N PHE B 302 17.18 -6.56 12.58
CA PHE B 302 17.93 -5.76 13.53
C PHE B 302 18.08 -6.49 14.85
N ASP B 303 19.16 -7.25 14.93
CA ASP B 303 19.49 -8.04 16.09
C ASP B 303 21.01 -8.23 16.12
N TYR B 304 21.52 -8.86 17.16
CA TYR B 304 22.95 -9.06 17.27
C TYR B 304 23.38 -10.38 16.64
N CYS B 305 24.51 -10.36 15.95
CA CYS B 305 25.12 -11.60 15.46
C CYS B 305 25.57 -12.41 16.67
N PRO B 306 25.32 -13.73 16.64
CA PRO B 306 25.63 -14.61 17.76
C PRO B 306 27.11 -14.56 18.19
N GLY B 307 27.33 -14.27 19.47
CA GLY B 307 28.68 -14.24 20.00
C GLY B 307 29.37 -12.90 19.82
N THR B 308 28.67 -11.97 19.19
CA THR B 308 29.24 -10.63 18.96
C THR B 308 28.56 -9.59 19.82
N THR B 309 29.15 -8.40 19.84
CA THR B 309 28.56 -7.26 20.53
C THR B 309 28.78 -6.00 19.68
N VAL B 310 27.94 -4.99 19.88
CA VAL B 310 28.08 -3.72 19.17
C VAL B 310 27.92 -2.57 20.16
N THR B 311 28.91 -1.67 20.18
CA THR B 311 28.90 -0.54 21.10
C THR B 311 29.13 0.77 20.37
N LEU B 312 28.53 1.84 20.89
CA LEU B 312 28.72 3.16 20.31
C LEU B 312 30.06 3.76 20.71
N SER B 313 30.78 4.27 19.73
CA SER B 313 32.08 4.89 19.98
C SER B 313 32.38 5.91 18.89
N GLU B 314 32.60 7.16 19.30
CA GLU B 314 32.93 8.22 18.36
C GLU B 314 34.34 7.98 17.79
N SER B 315 35.06 7.05 18.41
CA SER B 315 36.40 6.68 17.98
C SER B 315 36.39 5.47 17.06
N CYS B 316 35.30 5.31 16.31
CA CYS B 316 35.09 4.13 15.49
C CYS B 316 35.32 4.46 14.02
N GLY B 317 35.56 3.44 13.21
CA GLY B 317 35.76 3.61 11.79
C GLY B 317 34.52 4.13 11.09
N HIS B 318 34.70 4.67 9.88
CA HIS B 318 33.58 5.16 9.10
C HIS B 318 32.92 4.03 8.30
N ARG B 319 31.80 4.33 7.62
CA ARG B 319 31.08 3.31 6.85
C ARG B 319 32.02 2.63 5.85
N GLY B 320 31.86 1.32 5.70
CA GLY B 320 32.65 0.57 4.75
C GLY B 320 31.86 -0.62 4.28
N PRO B 321 32.50 -1.50 3.50
CA PRO B 321 31.87 -2.72 3.00
C PRO B 321 31.32 -3.55 4.13
N ALA B 322 30.17 -4.16 3.91
CA ALA B 322 29.58 -5.01 4.92
C ALA B 322 30.56 -6.15 5.23
N THR B 323 30.76 -6.42 6.51
CA THR B 323 31.73 -7.44 6.92
C THR B 323 31.05 -8.62 7.59
N ARG B 324 31.49 -9.82 7.23
CA ARG B 324 30.98 -11.05 7.82
C ARG B 324 31.61 -11.24 9.20
N THR B 325 30.85 -11.82 10.14
CA THR B 325 31.33 -12.00 11.51
C THR B 325 32.31 -13.15 11.64
N THR B 326 32.53 -13.86 10.54
CA THR B 326 33.55 -14.90 10.53
C THR B 326 34.63 -14.58 9.51
N THR B 327 35.86 -14.96 9.85
CA THR B 327 37.00 -14.75 9.00
C THR B 327 37.03 -15.81 7.91
N GLU B 328 37.92 -15.64 6.94
CA GLU B 328 38.12 -16.66 5.91
C GLU B 328 38.47 -18.00 6.54
N SER B 329 39.31 -17.96 7.58
CA SER B 329 39.65 -19.16 8.35
C SER B 329 38.41 -19.70 9.07
N GLY B 330 37.54 -18.79 9.51
CA GLY B 330 36.32 -19.17 10.20
C GLY B 330 36.30 -18.66 11.63
N LYS B 331 37.22 -17.76 11.94
CA LYS B 331 37.34 -17.22 13.29
C LYS B 331 36.33 -16.11 13.50
N LEU B 332 35.86 -15.98 14.74
CA LEU B 332 34.80 -15.04 15.05
C LEU B 332 35.33 -13.68 15.50
N ILE B 333 34.83 -12.63 14.86
CA ILE B 333 35.05 -11.27 15.31
C ILE B 333 33.97 -10.97 16.35
N THR B 334 34.40 -10.66 17.57
CA THR B 334 33.47 -10.49 18.68
C THR B 334 33.09 -9.06 18.90
N ASP B 335 34.09 -8.19 19.00
CA ASP B 335 33.83 -6.80 19.34
C ASP B 335 33.61 -5.92 18.10
N TRP B 336 32.44 -5.28 18.06
CA TRP B 336 32.12 -4.39 16.96
C TRP B 336 31.72 -3.04 17.52
N CYS B 337 31.93 -1.99 16.74
CA CYS B 337 31.60 -0.64 17.14
C CYS B 337 30.85 0.07 16.01
N CYS B 338 30.18 1.17 16.34
CA CYS B 338 29.61 2.04 15.32
C CYS B 338 29.64 3.49 15.81
N ARG B 339 29.84 4.41 14.87
CA ARG B 339 30.02 5.83 15.16
C ARG B 339 28.73 6.50 15.64
N SER B 340 27.70 6.44 14.80
CA SER B 340 26.43 7.09 15.10
C SER B 340 25.28 6.34 14.45
N CYS B 341 25.04 5.12 14.91
CA CYS B 341 23.90 4.34 14.45
C CYS B 341 23.04 4.05 15.66
N THR B 342 21.98 3.30 15.47
CA THR B 342 21.11 2.95 16.59
C THR B 342 21.10 1.44 16.80
N LEU B 343 20.90 1.04 18.06
CA LEU B 343 20.82 -0.37 18.41
C LEU B 343 19.36 -0.83 18.56
N PRO B 344 19.08 -2.11 18.23
CA PRO B 344 19.95 -3.19 17.75
C PRO B 344 20.56 -2.96 16.37
N PRO B 345 21.75 -3.54 16.15
CA PRO B 345 22.48 -3.34 14.89
C PRO B 345 21.79 -3.93 13.68
N LEU B 346 22.07 -3.36 12.51
CA LEU B 346 21.60 -3.92 11.26
C LEU B 346 22.40 -5.17 10.96
N ARG B 347 21.70 -6.30 10.80
CA ARG B 347 22.34 -7.58 10.61
C ARG B 347 21.90 -8.22 9.30
N TYR B 348 22.85 -8.77 8.54
CA TYR B 348 22.51 -9.58 7.38
C TYR B 348 22.70 -11.04 7.72
N GLN B 349 21.85 -11.91 7.18
CA GLN B 349 22.06 -13.35 7.33
C GLN B 349 22.03 -14.00 5.96
N THR B 350 23.15 -14.64 5.61
CA THR B 350 23.27 -15.33 4.34
C THR B 350 23.70 -16.77 4.56
N ASP B 351 23.87 -17.47 3.45
CA ASP B 351 24.34 -18.85 3.46
C ASP B 351 25.72 -18.98 4.10
N SER B 352 26.59 -18.00 3.83
CA SER B 352 27.98 -18.03 4.30
C SER B 352 28.13 -17.48 5.71
N GLY B 353 27.03 -17.07 6.32
CA GLY B 353 27.07 -16.62 7.68
C GLY B 353 26.33 -15.33 7.95
N CYS B 354 26.73 -14.65 9.01
CA CYS B 354 26.06 -13.46 9.49
C CYS B 354 26.96 -12.22 9.31
N TRP B 355 26.39 -11.12 8.84
CA TRP B 355 27.12 -9.88 8.59
C TRP B 355 26.47 -8.69 9.29
N TYR B 356 27.19 -7.57 9.31
CA TYR B 356 26.70 -6.35 9.93
C TYR B 356 26.56 -5.21 8.90
N GLY B 357 25.71 -4.24 9.20
CA GLY B 357 25.51 -3.11 8.31
C GLY B 357 26.78 -2.31 8.12
N MET B 358 26.80 -1.48 7.08
CA MET B 358 27.98 -0.73 6.69
C MET B 358 28.56 0.16 7.78
N GLU B 359 27.68 0.71 8.64
CA GLU B 359 28.14 1.68 9.63
C GLU B 359 28.75 1.00 10.84
N ILE B 360 28.77 -0.33 10.83
CA ILE B 360 29.26 -1.11 11.95
C ILE B 360 30.59 -1.79 11.59
N ARG B 361 31.63 -1.45 12.32
CA ARG B 361 32.97 -1.90 11.94
C ARG B 361 33.59 -2.71 13.08
N PRO B 362 34.52 -3.64 12.75
CA PRO B 362 35.27 -4.36 13.76
C PRO B 362 36.02 -3.38 14.64
N GLN B 363 36.09 -3.65 15.94
CA GLN B 363 36.69 -2.67 16.85
C GLN B 363 38.22 -2.72 16.76
N ARG B 364 38.77 -3.92 16.56
CA ARG B 364 40.22 -4.07 16.41
C ARG B 364 40.66 -3.89 14.96
N HIS B 365 41.62 -3.00 14.77
CA HIS B 365 42.08 -2.61 13.44
C HIS B 365 42.95 -3.67 12.77
N ASP B 366 43.38 -4.68 13.52
CA ASP B 366 44.10 -5.78 12.91
C ASP B 366 43.17 -6.58 12.00
N GLU B 367 43.43 -6.51 10.69
CA GLU B 367 42.66 -7.28 9.74
C GLU B 367 43.17 -8.72 9.78
N LYS B 368 42.25 -9.64 10.05
CA LYS B 368 42.56 -11.05 10.21
C LYS B 368 42.23 -11.76 8.90
N THR B 369 42.33 -11.00 7.81
CA THR B 369 41.76 -11.33 6.51
C THR B 369 40.25 -11.62 6.66
N LEU B 370 39.50 -10.54 6.79
CA LEU B 370 38.06 -10.64 6.95
C LEU B 370 37.35 -10.75 5.59
N VAL B 371 36.10 -11.20 5.63
CA VAL B 371 35.27 -11.30 4.44
C VAL B 371 34.37 -10.08 4.30
N GLN B 372 34.55 -9.34 3.23
CA GLN B 372 33.75 -8.14 3.02
C GLN B 372 33.03 -8.17 1.67
N SER B 373 31.90 -7.48 1.59
CA SER B 373 31.17 -7.35 0.35
C SER B 373 31.99 -6.53 -0.64
N GLN B 374 31.96 -6.92 -1.90
CA GLN B 374 32.69 -6.19 -2.93
C GLN B 374 31.74 -5.64 -3.97
N VAL B 375 30.52 -5.28 -3.52
CA VAL B 375 29.41 -5.02 -4.44
C VAL B 375 29.27 -3.57 -4.87
N ASN B 376 29.14 -2.65 -3.93
CA ASN B 376 28.95 -1.23 -4.24
C ASN B 376 27.81 -0.93 -5.24
N ALA B 377 26.56 -0.98 -4.78
CA ALA B 377 25.42 -0.75 -5.65
C ALA B 377 24.60 0.47 -5.22
C1 NAG C . -25.35 27.12 27.66
C2 NAG C . -26.10 28.22 26.90
C3 NAG C . -27.54 27.78 26.58
C4 NAG C . -27.55 26.40 25.93
C5 NAG C . -26.74 25.41 26.76
C6 NAG C . -26.62 24.05 26.11
C7 NAG C . -25.33 30.51 27.38
C8 NAG C . -24.40 30.35 26.21
N2 NAG C . -26.11 29.47 27.66
O3 NAG C . -28.15 28.73 25.72
O4 NAG C . -28.89 25.93 25.81
O5 NAG C . -25.41 25.91 26.93
O6 NAG C . -25.78 24.10 24.95
O7 NAG C . -25.36 31.54 28.04
C1 NAG C . -29.35 25.77 24.45
C2 NAG C . -30.88 25.66 24.47
C3 NAG C . -31.43 25.59 23.05
C4 NAG C . -30.91 26.77 22.22
C5 NAG C . -29.39 26.81 22.29
C6 NAG C . -28.80 28.01 21.58
C7 NAG C . -31.06 23.24 24.97
C8 NAG C . -31.63 22.22 25.91
N2 NAG C . -31.34 24.52 25.25
O3 NAG C . -32.85 25.62 23.08
O4 NAG C . -31.33 26.64 20.87
O5 NAG C . -28.96 26.89 23.66
O6 NAG C . -29.70 28.56 20.63
O7 NAG C . -30.37 22.92 24.01
C1 NAG D . -11.89 -0.72 -19.18
C2 NAG D . -13.41 -0.79 -18.98
C3 NAG D . -14.10 -1.07 -20.30
C4 NAG D . -13.63 -0.10 -21.39
C5 NAG D . -12.12 -0.04 -21.45
C6 NAG D . -11.60 1.03 -22.39
C7 NAG D . -14.59 -1.54 -16.98
C8 NAG D . -14.85 -2.69 -16.05
N2 NAG D . -13.76 -1.78 -18.00
O3 NAG D . -15.51 -0.95 -20.12
O4 NAG D . -14.11 -0.54 -22.65
O5 NAG D . -11.57 0.25 -20.16
O6 NAG D . -10.18 1.11 -22.38
O7 NAG D . -15.12 -0.45 -16.81
C1 NAG D . -15.21 0.23 -23.15
C2 NAG D . -15.30 0.09 -24.68
C3 NAG D . -16.53 0.83 -25.20
C4 NAG D . -17.79 0.37 -24.47
C5 NAG D . -17.59 0.49 -22.96
C6 NAG D . -18.76 -0.06 -22.16
C7 NAG D . -13.15 -0.23 -25.83
C8 NAG D . -11.98 0.45 -26.48
N2 NAG D . -14.10 0.57 -25.33
O3 NAG D . -16.66 0.59 -26.60
O4 NAG D . -18.90 1.16 -24.86
O5 NAG D . -16.43 -0.24 -22.55
O6 NAG D . -18.37 -1.13 -21.32
O7 NAG D . -13.24 -1.46 -25.77
C1 NAG E . 15.76 0.73 -22.40
C2 NAG E . 16.91 0.97 -23.40
C3 NAG E . 18.26 0.92 -22.68
C4 NAG E . 18.28 1.82 -21.46
C5 NAG E . 17.09 1.50 -20.56
C6 NAG E . 17.00 2.39 -19.34
C7 NAG E . 15.97 -0.03 -25.45
C8 NAG E . 16.11 -1.12 -26.47
N2 NAG E . 16.88 -0.01 -24.47
O3 NAG E . 19.26 1.34 -23.61
O4 NAG E . 19.46 1.55 -20.71
O5 NAG E . 15.87 1.65 -21.30
O6 NAG E . 16.29 3.59 -19.62
O7 NAG E . 15.06 0.80 -25.49
C1 NAG E . 20.63 2.38 -20.98
C2 NAG E . 21.48 2.26 -19.72
C3 NAG E . 22.82 2.95 -19.93
C4 NAG E . 23.52 2.38 -21.15
C5 NAG E . 22.61 2.47 -22.37
C6 NAG E . 23.21 1.80 -23.60
C7 NAG E . 20.44 2.08 -17.51
C8 NAG E . 20.81 0.62 -17.55
N2 NAG E . 20.78 2.81 -18.57
O3 NAG E . 23.63 2.77 -18.77
O4 NAG E . 24.73 3.09 -21.39
O5 NAG E . 21.35 1.83 -22.11
O6 NAG E . 22.23 1.10 -24.37
O7 NAG E . 19.85 2.56 -16.54
C1 NAG F . 10.08 -0.80 20.67
C2 NAG F . 11.26 -1.72 20.95
C3 NAG F . 11.74 -1.57 22.39
C4 NAG F . 11.98 -0.09 22.73
C5 NAG F . 10.77 0.75 22.34
C6 NAG F . 11.02 2.24 22.50
C7 NAG F . 11.19 -3.74 19.53
C8 NAG F . 10.76 -5.16 19.44
N2 NAG F . 10.91 -3.11 20.69
O3 NAG F . 12.96 -2.30 22.53
O4 NAG F . 12.19 0.03 24.14
O5 NAG F . 10.45 0.54 20.96
O6 NAG F . 11.20 2.88 21.25
O7 NAG F . 11.77 -3.16 18.62
C1 NAG F . 13.56 0.31 24.54
C2 NAG F . 13.60 0.76 25.98
C3 NAG F . 15.03 1.10 26.38
C4 NAG F . 15.96 -0.07 26.06
C5 NAG F . 15.77 -0.54 24.62
C6 NAG F . 16.54 -1.80 24.29
C7 NAG F . 11.45 1.74 26.62
C8 NAG F . 10.66 3.00 26.80
N2 NAG F . 12.71 1.89 26.21
O3 NAG F . 15.09 1.41 27.77
O4 NAG F . 17.31 0.35 26.26
O5 NAG F . 14.39 -0.82 24.36
O6 NAG F . 16.68 -2.63 25.44
O7 NAG F . 10.95 0.63 26.82
C1 BMA F . 17.95 -0.29 27.39
C2 BMA F . 19.43 -0.50 27.08
C3 BMA F . 20.09 -1.22 28.25
C4 BMA F . 19.79 -0.52 29.60
C5 BMA F . 18.27 -0.17 29.76
C6 BMA F . 18.03 0.76 30.95
O2 BMA F . 20.09 0.76 26.96
O3 BMA F . 21.50 -1.32 28.09
O4 BMA F . 20.19 -1.36 30.67
O5 BMA F . 17.77 0.47 28.57
O6 BMA F . 18.23 2.12 30.50
C1 MAN F . 21.95 -2.56 27.50
C2 MAN F . 23.08 -3.13 28.41
C3 MAN F . 24.26 -2.15 28.44
C4 MAN F . 24.70 -1.76 27.01
C5 MAN F . 23.49 -1.28 26.17
C6 MAN F . 23.83 -1.03 24.71
O2 MAN F . 23.60 -4.36 27.90
O3 MAN F . 25.36 -2.67 29.18
O4 MAN F . 25.67 -0.72 27.07
O5 MAN F . 22.43 -2.26 26.22
O6 MAN F . 25.10 -0.41 24.64
C1 MAN F . 19.36 2.80 31.17
C2 MAN F . 19.23 2.69 32.70
C3 MAN F . 18.13 3.65 33.22
C4 MAN F . 18.27 5.07 32.62
C5 MAN F . 18.31 4.97 31.09
C6 MAN F . 18.46 6.32 30.39
O2 MAN F . 20.45 3.06 33.36
O3 MAN F . 18.09 3.70 34.64
O4 MAN F . 17.17 5.88 33.02
O5 MAN F . 19.43 4.14 30.72
O6 MAN F . 17.32 6.52 29.56
C1 NAG G . -1.63 22.21 16.70
C2 NAG G . -1.61 23.62 17.26
C3 NAG G . -1.59 24.64 16.13
C4 NAG G . -0.46 24.34 15.15
C5 NAG G . -0.50 22.88 14.71
C6 NAG G . 0.70 22.49 13.88
C7 NAG G . -2.69 23.67 19.46
C8 NAG G . -3.95 23.94 20.23
N2 NAG G . -2.75 23.86 18.15
O3 NAG G . -1.43 25.95 16.66
O4 NAG G . -0.56 25.18 14.01
O5 NAG G . -0.50 22.01 15.86
O6 NAG G . 1.35 23.62 13.34
O7 NAG G . -1.65 23.28 20.02
S SO4 H . 7.33 14.55 -4.25
O1 SO4 H . 7.54 14.44 -2.81
O2 SO4 H . 8.15 13.60 -5.02
O3 SO4 H . 7.65 15.92 -4.65
O4 SO4 H . 5.92 14.27 -4.54
C5 OXN I . -8.21 -20.92 8.14
C1 OXN I . -9.83 -20.82 8.39
C3 OXN I . -10.63 -21.45 7.22
C4 OXN I . -10.34 -21.37 9.70
C2 OXN I . -10.16 -19.30 8.41
C6 OXN I . -7.40 -22.19 8.57
C9 OXN I . -5.96 -22.20 7.86
C8 OXN I . -8.09 -23.51 8.22
C7 OXN I . -7.08 -22.12 10.06
C10 OXN I . -5.08 -21.22 8.23
C11 OXN I . -3.80 -21.19 7.64
C12 OXN I . -3.43 -22.21 6.70
C13 OXN I . -4.36 -23.20 6.35
C14 OXN I . -5.64 -23.19 6.95
O15 OXN I . -2.11 -22.17 6.11
C5 OXN J . -10.44 -22.80 -9.88
C1 OXN J . -10.47 -21.85 -8.55
C3 OXN J . -11.88 -21.86 -7.88
C4 OXN J . -9.53 -22.47 -7.55
C2 OXN J . -10.01 -20.38 -8.79
C6 OXN J . -10.89 -22.28 -11.29
C9 OXN J . -11.24 -23.57 -12.17
C8 OXN J . -9.74 -21.55 -11.99
C7 OXN J . -12.14 -21.40 -11.28
C10 OXN J . -11.54 -24.74 -11.53
C11 OXN J . -11.86 -25.89 -12.29
C12 OXN J . -11.85 -25.81 -13.72
C13 OXN J . -11.54 -24.59 -14.35
C14 OXN J . -11.22 -23.45 -13.55
O15 OXN J . -12.17 -26.96 -14.51
O15 OXN K . -10.11 -25.36 3.27
C16 OXN K . -9.16 -25.96 4.17
C17 OXN K . -7.73 -25.87 3.57
O18 OXN K . -6.85 -26.81 4.21
C19 OXN K . -5.46 -26.48 4.13
C20 OXN K . -4.73 -27.46 3.18
O21 OXN K . -3.91 -26.73 2.27
C22 OXN K . -4.58 -25.74 1.52
C23 OXN K . -3.78 -25.31 0.30
O24 OXN K . -4.52 -25.53 -0.85
C25 OXN K . -4.35 -26.79 -1.40
C26 OXN K . -5.69 -27.52 -1.52
O27 OXN K . -5.49 -28.84 -2.05
C28 OXN K . -6.59 -29.34 -2.84
C29 OXN K . -6.78 -28.46 -4.11
O30 OXN K . -7.85 -27.58 -3.92
C31 OXN K . -8.32 -26.95 -5.11
C32 OXN K . -9.74 -27.42 -5.45
O33 OXN K . -9.75 -28.81 -5.85
C34 OXN K . -10.63 -29.13 -6.94
C35 OXN K . -9.80 -29.71 -8.14
O36 OXN K . -10.62 -30.55 -8.97
C37 OXN K . -10.05 -30.83 -10.27
C38 OXN K . -9.80 -29.50 -11.02
O39 OXN K . -10.18 -29.61 -12.37
C5 OXN L . -13.68 -19.44 1.21
C1 OXN L . -12.67 -20.68 1.54
C3 OXN L . -11.32 -20.35 0.84
C4 OXN L . -13.10 -22.05 1.04
C2 OXN L . -12.39 -20.75 3.07
C6 OXN L . -15.23 -19.63 1.25
C9 OXN L . -15.88 -18.18 1.41
C8 OXN L . -15.74 -20.19 -0.08
C7 OXN L . -15.75 -20.48 2.42
C10 OXN L . -16.19 -17.73 2.67
C11 OXN L . -16.78 -16.45 2.83
C12 OXN L . -17.04 -15.64 1.67
C13 OXN L . -16.71 -16.16 0.40
C14 OXN L . -16.12 -17.44 0.28
O15 OXN L . -17.63 -14.35 1.80
#